data_7CP1
#
_entry.id   7CP1
#
_cell.length_a   131.320
_cell.length_b   131.320
_cell.length_c   284.882
_cell.angle_alpha   90.000
_cell.angle_beta   90.000
_cell.angle_gamma   120.000
#
_symmetry.space_group_name_H-M   'P 65 2 2'
#
loop_
_entity.id
_entity.type
_entity.pdbx_description
1 polymer 'Isocitrate lyase'
2 non-polymer 'SUCCINIC ACID'
3 non-polymer 'MAGNESIUM ION'
4 non-polymer '2-methylidenebutanedioic acid'
5 water water
#
_entity_poly.entity_id   1
_entity_poly.type   'polypeptide(L)'
_entity_poly.pdbx_seq_one_letter_code
;MSVVGTPKSAEQIQQEWDTNPRWKDVTRTYSAEDVVALQGSVVEEHTLARRGAEVLWEQLHDLEWVNALGALTGNMAVQQ
VRAGLKAIYLSGWQVAGDANLSGHTYPDQSLYPANSVPQVVRRINNALQRADQIAKIEGDTSVENWLAPIVADGEAGFGG
ALNVYELQKALIAAGVAGSHWEDQLASEKKCGHLGGKVLIPTQQHIRTLTSARLAADVADVPTVVIARTDAEAATLITSD
VDERDQPFITGERTREGFYRTKNGIEPCIARAKAYAPFADLIWMETGTPDLEAARQFSEAVKAEYPDQMLAYNCSPSFNW
KKHLDDATIAKFQKELAAMGFKFQFITLAGFHALNYSMFDLAYGYAQNQMSAYVELQEREFAAEERGYTATKHQREVGAG
YFDRIATTVDPNSSTTALTGSTEEGQFHLEHHHHHH
;
_entity_poly.pdbx_strand_id   A,B
#
# COMPACT_ATOMS: atom_id res chain seq x y z
N SER A 2 -1.47 -0.12 41.98
CA SER A 2 -1.37 -1.04 40.84
C SER A 2 0.00 -1.75 40.74
N VAL A 3 -0.01 -3.01 40.33
CA VAL A 3 1.21 -3.79 40.14
C VAL A 3 1.45 -4.13 38.67
N VAL A 4 0.57 -3.67 37.77
CA VAL A 4 0.66 -3.95 36.35
C VAL A 4 2.02 -3.55 35.80
N GLY A 5 2.65 -4.45 35.07
CA GLY A 5 3.88 -4.14 34.38
C GLY A 5 5.12 -4.05 35.23
N THR A 6 5.14 -4.67 36.40
CA THR A 6 6.32 -4.62 37.27
C THR A 6 7.47 -5.36 36.60
N PRO A 7 8.67 -4.78 36.54
CA PRO A 7 9.80 -5.46 35.90
C PRO A 7 10.21 -6.71 36.66
N LYS A 8 10.84 -7.63 35.94
CA LYS A 8 11.49 -8.75 36.61
C LYS A 8 12.73 -8.26 37.36
N SER A 9 13.26 -9.14 38.21
CA SER A 9 14.53 -8.90 38.86
C SER A 9 15.66 -9.28 37.93
N ALA A 10 16.85 -8.72 38.19
CA ALA A 10 18.04 -9.18 37.49
C ALA A 10 18.22 -10.69 37.63
N GLU A 11 17.81 -11.24 38.78
CA GLU A 11 18.02 -12.65 39.05
C GLU A 11 17.17 -13.52 38.14
N GLN A 12 15.88 -13.19 38.00
CA GLN A 12 15.01 -13.97 37.12
C GLN A 12 15.49 -13.92 35.68
N ILE A 13 15.87 -12.73 35.22
CA ILE A 13 16.37 -12.57 33.85
C ILE A 13 17.61 -13.45 33.65
N GLN A 14 18.53 -13.39 34.62
CA GLN A 14 19.75 -14.17 34.55
C GLN A 14 19.45 -15.66 34.51
N GLN A 15 18.50 -16.11 35.33
CA GLN A 15 18.20 -17.52 35.33
C GLN A 15 17.56 -17.94 34.03
N GLU A 16 16.79 -17.05 33.42
CA GLU A 16 16.18 -17.42 32.15
C GLU A 16 17.23 -17.50 31.05
N TRP A 17 18.21 -16.60 31.08
CA TRP A 17 19.31 -16.71 30.14
C TRP A 17 20.12 -17.98 30.37
N ASP A 18 20.20 -18.44 31.62
CA ASP A 18 21.02 -19.60 31.97
C ASP A 18 20.35 -20.92 31.64
N THR A 19 19.04 -21.04 31.87
CA THR A 19 18.33 -22.32 31.79
C THR A 19 17.42 -22.48 30.59
N ASN A 20 16.92 -21.41 29.99
CA ASN A 20 15.99 -21.53 28.86
C ASN A 20 16.74 -21.99 27.61
N PRO A 21 16.32 -23.07 26.96
CA PRO A 21 17.05 -23.51 25.76
C PRO A 21 17.07 -22.46 24.66
N ARG A 22 16.15 -21.49 24.71
CA ARG A 22 16.17 -20.42 23.72
C ARG A 22 17.52 -19.70 23.68
N TRP A 23 18.18 -19.54 24.84
CA TRP A 23 19.41 -18.75 24.92
C TRP A 23 20.69 -19.59 24.92
N LYS A 24 20.61 -20.89 24.65
CA LYS A 24 21.81 -21.64 24.33
C LYS A 24 22.47 -21.02 23.10
N ASP A 25 23.78 -20.82 23.16
CA ASP A 25 24.54 -20.24 22.05
C ASP A 25 24.16 -18.78 21.77
N VAL A 26 23.71 -18.03 22.78
CA VAL A 26 23.49 -16.60 22.64
C VAL A 26 24.42 -15.89 23.62
N THR A 27 25.35 -15.11 23.08
CA THR A 27 26.28 -14.35 23.89
C THR A 27 25.72 -12.96 24.18
N ARG A 28 25.73 -12.59 25.46
CA ARG A 28 25.38 -11.23 25.85
C ARG A 28 26.60 -10.64 26.55
N THR A 29 27.22 -9.63 25.93
CA THR A 29 28.35 -8.98 26.56
C THR A 29 27.94 -8.00 27.66
N TYR A 30 26.65 -7.71 27.80
CA TYR A 30 26.15 -6.86 28.88
C TYR A 30 25.49 -7.75 29.93
N SER A 31 25.12 -7.16 31.06
CA SER A 31 24.62 -7.91 32.20
C SER A 31 23.10 -7.80 32.32
N ALA A 32 22.53 -8.70 33.12
CA ALA A 32 21.11 -8.58 33.43
C ALA A 32 20.81 -7.30 34.20
N GLU A 33 21.73 -6.87 35.07
CA GLU A 33 21.55 -5.61 35.77
C GLU A 33 21.51 -4.44 34.78
N ASP A 34 22.36 -4.51 33.76
CA ASP A 34 22.35 -3.50 32.71
C ASP A 34 20.98 -3.42 32.07
N VAL A 35 20.33 -4.57 31.88
CA VAL A 35 18.98 -4.58 31.30
C VAL A 35 17.99 -3.96 32.26
N VAL A 36 17.98 -4.42 33.51
CA VAL A 36 17.00 -3.90 34.46
C VAL A 36 17.18 -2.40 34.61
N ALA A 37 18.41 -1.90 34.53
CA ALA A 37 18.68 -0.50 34.72
C ALA A 37 18.01 0.37 33.66
N LEU A 38 17.66 -0.21 32.51
CA LEU A 38 17.12 0.57 31.39
C LEU A 38 15.61 0.46 31.30
N GLN A 39 14.96 -0.20 32.27
CA GLN A 39 13.55 -0.52 32.16
C GLN A 39 12.64 0.42 32.93
N GLY A 40 13.18 1.38 33.68
CA GLY A 40 12.24 2.21 34.42
C GLY A 40 11.45 1.40 35.44
N SER A 41 10.25 1.90 35.77
CA SER A 41 9.40 1.31 36.80
C SER A 41 8.34 0.39 36.23
N VAL A 42 8.07 0.46 34.93
CA VAL A 42 6.97 -0.24 34.30
C VAL A 42 7.47 -0.80 32.97
N VAL A 43 7.16 -2.05 32.68
CA VAL A 43 7.52 -2.68 31.41
C VAL A 43 6.24 -2.97 30.66
N GLU A 44 6.05 -2.29 29.53
CA GLU A 44 4.90 -2.56 28.67
C GLU A 44 5.01 -3.98 28.11
N GLU A 45 3.90 -4.72 28.19
CA GLU A 45 3.82 -6.01 27.51
C GLU A 45 3.61 -5.81 26.00
N HIS A 46 4.29 -6.62 25.20
CA HIS A 46 4.20 -6.59 23.73
C HIS A 46 3.68 -7.94 23.25
N THR A 47 2.35 -8.12 23.33
CA THR A 47 1.76 -9.43 23.07
C THR A 47 2.17 -9.99 21.69
N LEU A 48 2.00 -9.21 20.63
CA LEU A 48 2.23 -9.75 19.29
C LEU A 48 3.71 -10.02 19.04
N ALA A 49 4.60 -9.17 19.56
CA ALA A 49 6.03 -9.42 19.36
C ALA A 49 6.47 -10.69 20.10
N ARG A 50 5.94 -10.91 21.29
CA ARG A 50 6.30 -12.11 22.03
C ARG A 50 5.71 -13.35 21.38
N ARG A 51 4.43 -13.31 21.06
CA ARG A 51 3.81 -14.49 20.46
C ARG A 51 4.45 -14.81 19.12
N GLY A 52 4.72 -13.78 18.32
CA GLY A 52 5.34 -14.03 17.03
C GLY A 52 6.73 -14.61 17.17
N ALA A 53 7.53 -14.05 18.08
CA ALA A 53 8.87 -14.58 18.24
C ALA A 53 8.85 -16.02 18.73
N GLU A 54 7.92 -16.34 19.64
CA GLU A 54 7.81 -17.71 20.15
C GLU A 54 7.40 -18.68 19.05
N VAL A 55 6.35 -18.33 18.31
CA VAL A 55 5.92 -19.18 17.20
C VAL A 55 7.04 -19.34 16.19
N LEU A 56 7.77 -18.26 15.90
CA LEU A 56 8.81 -18.33 14.90
C LEU A 56 9.91 -19.30 15.33
N TRP A 57 10.33 -19.21 16.60
CA TRP A 57 11.34 -20.14 17.11
C TRP A 57 10.83 -21.59 17.05
N GLU A 58 9.61 -21.83 17.52
CA GLU A 58 8.99 -23.16 17.42
C GLU A 58 9.07 -23.66 15.99
N GLN A 59 8.54 -22.89 15.05
CA GLN A 59 8.43 -23.34 13.67
C GLN A 59 9.80 -23.61 13.08
N LEU A 60 10.79 -22.76 13.40
CA LEU A 60 12.14 -23.00 12.90
C LEU A 60 12.71 -24.30 13.43
N HIS A 61 12.22 -24.80 14.57
CA HIS A 61 12.74 -26.08 15.02
C HIS A 61 11.84 -27.27 14.67
N ASP A 62 10.58 -27.07 14.30
CA ASP A 62 9.68 -28.18 13.99
C ASP A 62 9.56 -28.45 12.51
N LEU A 63 9.38 -27.42 11.71
CA LEU A 63 9.18 -27.69 10.26
C LEU A 63 10.50 -27.97 9.57
N GLU A 64 10.41 -28.48 8.34
CA GLU A 64 11.62 -28.75 7.52
C GLU A 64 12.29 -27.41 7.25
N TRP A 65 11.49 -26.40 6.95
CA TRP A 65 11.95 -24.99 6.81
C TRP A 65 10.74 -24.07 6.83
N VAL A 66 10.98 -22.82 7.17
CA VAL A 66 10.02 -21.72 7.20
C VAL A 66 10.29 -20.84 5.99
N ASN A 67 9.30 -20.69 5.10
CA ASN A 67 9.48 -19.79 3.97
C ASN A 67 8.43 -18.68 3.96
N ALA A 68 8.74 -17.63 3.21
CA ALA A 68 7.90 -16.42 3.22
C ALA A 68 8.07 -15.63 1.92
N LEU A 69 7.08 -14.78 1.67
CA LEU A 69 7.10 -13.85 0.56
C LEU A 69 7.03 -12.44 1.12
N GLY A 70 7.70 -11.52 0.44
CA GLY A 70 7.63 -10.12 0.82
C GLY A 70 6.23 -9.57 0.73
N ALA A 71 5.76 -8.96 1.81
CA ALA A 71 4.46 -8.28 1.85
C ALA A 71 4.67 -6.80 2.15
N LEU A 72 4.01 -5.94 1.38
CA LEU A 72 4.04 -4.50 1.63
C LEU A 72 2.68 -3.91 1.96
N THR A 73 1.60 -4.69 1.96
CA THR A 73 0.32 -4.23 2.46
C THR A 73 -0.32 -5.27 3.37
N GLY A 74 -1.31 -4.82 4.13
CA GLY A 74 -1.97 -5.74 5.04
C GLY A 74 -2.69 -6.86 4.32
N ASN A 75 -3.42 -6.51 3.24
CA ASN A 75 -4.13 -7.51 2.45
C ASN A 75 -3.17 -8.53 1.89
N MET A 76 -1.98 -8.09 1.45
CA MET A 76 -0.99 -9.02 0.92
C MET A 76 -0.67 -10.10 1.93
N ALA A 77 -0.44 -9.70 3.19
CA ALA A 77 -0.09 -10.67 4.23
C ALA A 77 -1.28 -11.56 4.57
N VAL A 78 -2.49 -10.98 4.58
CA VAL A 78 -3.70 -11.76 4.80
C VAL A 78 -3.81 -12.85 3.74
N GLN A 79 -3.55 -12.52 2.48
CA GLN A 79 -3.65 -13.53 1.43
C GLN A 79 -2.54 -14.58 1.58
N GLN A 80 -1.33 -14.15 1.92
CA GLN A 80 -0.26 -15.13 2.11
C GLN A 80 -0.64 -16.15 3.18
N VAL A 81 -1.27 -15.69 4.27
CA VAL A 81 -1.64 -16.63 5.33
C VAL A 81 -2.86 -17.46 4.93
N ARG A 82 -3.85 -16.85 4.29
CA ARG A 82 -5.00 -17.59 3.82
C ARG A 82 -4.58 -18.71 2.89
N ALA A 83 -3.53 -18.49 2.09
CA ALA A 83 -2.99 -19.46 1.15
C ALA A 83 -2.15 -20.55 1.81
N GLY A 84 -1.84 -20.43 3.09
CA GLY A 84 -1.14 -21.48 3.80
C GLY A 84 0.28 -21.19 4.25
N LEU A 85 0.78 -19.97 4.11
CA LEU A 85 2.12 -19.67 4.58
C LEU A 85 2.11 -19.46 6.09
N LYS A 86 3.27 -19.72 6.72
CA LYS A 86 3.36 -19.65 8.17
C LYS A 86 4.22 -18.48 8.65
N ALA A 87 4.70 -17.64 7.75
CA ALA A 87 5.52 -16.50 8.12
C ALA A 87 5.35 -15.41 7.06
N ILE A 88 5.63 -14.17 7.46
CA ILE A 88 5.57 -13.02 6.56
C ILE A 88 6.94 -12.37 6.54
N TYR A 89 7.42 -12.02 5.34
CA TYR A 89 8.66 -11.28 5.22
C TYR A 89 8.33 -9.83 4.87
N LEU A 90 8.90 -8.90 5.61
CA LEU A 90 8.66 -7.47 5.42
C LEU A 90 9.91 -6.85 4.81
N SER A 91 9.87 -6.71 3.48
CA SER A 91 10.96 -6.13 2.71
C SER A 91 11.08 -4.64 2.91
N GLY A 92 12.27 -4.19 3.35
CA GLY A 92 12.57 -2.76 3.34
C GLY A 92 12.77 -2.22 1.95
N TRP A 93 13.27 -3.07 1.03
CA TRP A 93 13.32 -2.68 -0.38
C TRP A 93 11.93 -2.29 -0.88
N GLN A 94 10.94 -3.18 -0.65
CA GLN A 94 9.58 -2.88 -1.09
C GLN A 94 9.02 -1.65 -0.37
N VAL A 95 9.42 -1.47 0.89
CA VAL A 95 8.96 -0.30 1.63
C VAL A 95 9.53 0.97 1.03
N ALA A 96 10.82 0.96 0.66
CA ALA A 96 11.42 2.08 -0.06
C ALA A 96 10.67 2.34 -1.37
N GLY A 97 10.28 1.27 -2.05
CA GLY A 97 9.70 1.40 -3.37
C GLY A 97 8.27 1.90 -3.39
N ASP A 98 7.48 1.55 -2.37
CA ASP A 98 6.04 1.75 -2.49
C ASP A 98 5.29 1.78 -1.15
N ALA A 99 6.01 1.86 -0.02
CA ALA A 99 5.30 1.87 1.26
C ALA A 99 6.10 2.49 2.40
N ASN A 100 6.55 3.73 2.25
CA ASN A 100 7.31 4.38 3.31
C ASN A 100 6.72 5.75 3.60
N LEU A 101 7.07 6.29 4.78
CA LEU A 101 6.39 7.44 5.35
C LEU A 101 6.77 8.76 4.69
N SER A 102 7.77 8.79 3.82
CA SER A 102 8.04 10.00 3.06
C SER A 102 6.99 10.24 1.99
N GLY A 103 6.33 9.18 1.54
CA GLY A 103 5.45 9.23 0.38
C GLY A 103 6.13 9.03 -0.96
N HIS A 104 7.45 8.89 -0.98
CA HIS A 104 8.24 8.88 -2.20
C HIS A 104 8.66 7.45 -2.58
N THR A 105 8.92 7.28 -3.88
CA THR A 105 9.51 6.06 -4.41
C THR A 105 11.02 6.20 -4.32
N TYR A 106 11.67 5.28 -3.61
CA TYR A 106 13.10 5.32 -3.39
C TYR A 106 13.74 4.01 -3.83
N PRO A 107 14.98 4.06 -4.28
CA PRO A 107 15.80 2.85 -4.44
C PRO A 107 16.31 2.39 -3.07
N ASP A 108 17.09 1.32 -3.07
CA ASP A 108 17.40 0.56 -1.85
C ASP A 108 18.68 1.09 -1.19
N GLN A 109 18.56 2.28 -0.60
CA GLN A 109 19.74 2.92 0.00
C GLN A 109 19.44 3.58 1.35
N SER A 110 18.51 3.02 2.14
CA SER A 110 18.11 3.60 3.43
C SER A 110 17.77 5.08 3.33
N LEU A 111 16.90 5.42 2.38
CA LEU A 111 16.52 6.80 2.14
C LEU A 111 15.26 7.21 2.87
N TYR A 112 14.40 6.25 3.22
CA TYR A 112 13.09 6.52 3.75
C TYR A 112 13.18 6.75 5.26
N PRO A 113 12.14 7.34 5.87
CA PRO A 113 12.21 7.59 7.32
C PRO A 113 12.31 6.29 8.11
N ALA A 114 13.14 6.33 9.15
CA ALA A 114 13.54 5.11 9.86
C ALA A 114 12.37 4.38 10.54
N ASN A 115 11.23 5.04 10.76
CA ASN A 115 10.11 4.34 11.38
C ASN A 115 9.13 3.75 10.36
N SER A 116 9.48 3.71 9.06
CA SER A 116 8.51 3.26 8.06
C SER A 116 8.23 1.75 8.18
N VAL A 117 9.28 0.93 8.27
CA VAL A 117 9.08 -0.51 8.42
C VAL A 117 8.27 -0.83 9.67
N PRO A 118 8.55 -0.24 10.85
CA PRO A 118 7.67 -0.50 12.00
C PRO A 118 6.21 -0.23 11.72
N GLN A 119 5.90 0.85 11.01
CA GLN A 119 4.52 1.14 10.65
C GLN A 119 3.93 0.02 9.81
N VAL A 120 4.70 -0.51 8.86
CA VAL A 120 4.12 -1.57 8.04
C VAL A 120 3.95 -2.85 8.85
N VAL A 121 4.86 -3.12 9.80
CA VAL A 121 4.67 -4.25 10.70
C VAL A 121 3.33 -4.11 11.43
N ARG A 122 3.10 -2.94 12.00
CA ARG A 122 1.87 -2.68 12.74
C ARG A 122 0.65 -2.84 11.85
N ARG A 123 0.73 -2.36 10.61
CA ARG A 123 -0.37 -2.50 9.67
C ARG A 123 -0.64 -3.97 9.39
N ILE A 124 0.42 -4.75 9.13
CA ILE A 124 0.25 -6.15 8.77
C ILE A 124 -0.42 -6.89 9.93
N ASN A 125 0.05 -6.63 11.16
CA ASN A 125 -0.60 -7.25 12.31
C ASN A 125 -2.05 -6.83 12.45
N ASN A 126 -2.37 -5.55 12.22
CA ASN A 126 -3.76 -5.11 12.25
C ASN A 126 -4.61 -5.89 11.23
N ALA A 127 -4.05 -6.14 10.06
CA ALA A 127 -4.81 -6.82 9.02
C ALA A 127 -5.01 -8.30 9.36
N LEU A 128 -3.97 -8.95 9.89
CA LEU A 128 -4.11 -10.35 10.29
C LEU A 128 -5.10 -10.48 11.44
N GLN A 129 -5.09 -9.51 12.35
CA GLN A 129 -6.04 -9.52 13.45
C GLN A 129 -7.46 -9.38 12.94
N ARG A 130 -7.68 -8.53 11.93
CA ARG A 130 -9.04 -8.43 11.38
C ARG A 130 -9.46 -9.73 10.69
N ALA A 131 -8.55 -10.38 9.97
CA ALA A 131 -8.88 -11.66 9.35
C ALA A 131 -9.24 -12.70 10.42
N ASP A 132 -8.49 -12.70 11.52
CA ASP A 132 -8.75 -13.62 12.62
C ASP A 132 -10.11 -13.34 13.27
N GLN A 133 -10.44 -12.06 13.47
CA GLN A 133 -11.75 -11.65 14.00
C GLN A 133 -12.88 -12.15 13.12
N ILE A 134 -12.75 -11.92 11.80
CA ILE A 134 -13.78 -12.34 10.86
C ILE A 134 -13.94 -13.86 10.89
N ALA A 135 -12.81 -14.58 10.85
CA ALA A 135 -12.86 -16.03 10.88
C ALA A 135 -13.58 -16.52 12.12
N LYS A 136 -13.29 -15.92 13.28
CA LYS A 136 -13.96 -16.34 14.50
C LYS A 136 -15.48 -16.15 14.40
N ILE A 137 -15.94 -14.96 14.00
CA ILE A 137 -17.39 -14.80 14.00
C ILE A 137 -18.08 -15.61 12.93
N GLU A 138 -17.34 -16.15 11.96
CA GLU A 138 -17.91 -16.93 10.88
C GLU A 138 -17.73 -18.44 11.06
N GLY A 139 -17.16 -18.88 12.18
CA GLY A 139 -16.83 -20.28 12.33
C GLY A 139 -15.81 -20.80 11.36
N ASP A 140 -14.97 -19.94 10.78
CA ASP A 140 -13.97 -20.40 9.81
C ASP A 140 -12.73 -20.88 10.55
N THR A 141 -12.53 -22.21 10.53
CA THR A 141 -11.36 -22.87 11.11
C THR A 141 -10.33 -23.26 10.06
N SER A 142 -10.51 -22.85 8.81
CA SER A 142 -9.62 -23.30 7.75
C SER A 142 -8.16 -22.91 7.98
N VAL A 143 -7.89 -21.81 8.70
CA VAL A 143 -6.53 -21.35 8.98
C VAL A 143 -6.27 -21.48 10.48
N GLU A 144 -5.20 -22.18 10.87
CA GLU A 144 -5.14 -22.41 12.31
C GLU A 144 -4.53 -21.18 13.03
N ASN A 145 -3.51 -20.54 12.43
CA ASN A 145 -2.86 -19.34 13.03
C ASN A 145 -2.86 -18.16 12.06
N TRP A 146 -3.80 -17.23 12.24
CA TRP A 146 -3.79 -16.03 11.40
C TRP A 146 -2.60 -15.14 11.71
N LEU A 147 -2.13 -15.17 12.94
CA LEU A 147 -1.07 -14.25 13.35
C LEU A 147 0.29 -14.89 13.09
N ALA A 148 0.57 -15.05 11.80
CA ALA A 148 1.85 -15.57 11.37
C ALA A 148 2.98 -14.64 11.82
N PRO A 149 4.10 -15.20 12.27
CA PRO A 149 5.22 -14.34 12.69
C PRO A 149 5.75 -13.51 11.52
N ILE A 150 6.15 -12.28 11.83
CA ILE A 150 6.69 -11.34 10.86
C ILE A 150 8.20 -11.19 11.07
N VAL A 151 8.97 -11.32 10.00
CA VAL A 151 10.41 -11.04 9.97
C VAL A 151 10.62 -9.77 9.15
N ALA A 152 11.21 -8.75 9.76
CA ALA A 152 11.31 -7.43 9.15
C ALA A 152 12.74 -7.03 8.82
N ASP A 153 12.86 -6.27 7.73
CA ASP A 153 14.14 -5.70 7.27
C ASP A 153 14.54 -4.53 8.16
N GLY A 154 15.66 -4.66 8.85
CA GLY A 154 16.20 -3.57 9.63
C GLY A 154 17.29 -2.75 8.96
N GLU A 155 17.62 -3.02 7.71
CA GLU A 155 18.68 -2.29 6.98
C GLU A 155 19.99 -2.46 7.77
N ALA A 156 20.76 -1.38 7.94
CA ALA A 156 21.87 -1.34 8.89
C ALA A 156 21.56 -0.40 10.06
N GLY A 157 20.29 -0.13 10.32
CA GLY A 157 19.86 0.58 11.50
C GLY A 157 19.66 2.08 11.35
N PHE A 158 19.96 2.66 10.18
CA PHE A 158 19.82 4.10 9.95
C PHE A 158 20.69 4.92 10.88
N GLY A 159 21.96 4.52 11.02
CA GLY A 159 22.88 5.27 11.85
C GLY A 159 23.77 4.41 12.74
N GLY A 160 23.92 4.80 14.00
CA GLY A 160 24.77 4.10 14.93
C GLY A 160 24.00 3.19 15.85
N ALA A 161 24.65 2.81 16.94
CA ALA A 161 24.07 1.84 17.86
C ALA A 161 22.73 2.30 18.41
N LEU A 162 22.60 3.61 18.68
CA LEU A 162 21.34 4.08 19.22
C LEU A 162 20.24 4.06 18.17
N ASN A 163 20.59 4.32 16.91
CA ASN A 163 19.62 4.23 15.83
C ASN A 163 19.12 2.80 15.68
N VAL A 164 20.04 1.83 15.73
CA VAL A 164 19.68 0.42 15.74
C VAL A 164 18.74 0.11 16.89
N TYR A 165 19.10 0.58 18.09
CA TYR A 165 18.30 0.31 19.28
C TYR A 165 16.88 0.80 19.09
N GLU A 166 16.73 2.04 18.64
CA GLU A 166 15.40 2.61 18.48
C GLU A 166 14.60 1.88 17.40
N LEU A 167 15.27 1.48 16.31
CA LEU A 167 14.54 0.73 15.28
C LEU A 167 14.07 -0.62 15.81
N GLN A 168 14.92 -1.36 16.53
CA GLN A 168 14.48 -2.63 17.08
C GLN A 168 13.34 -2.44 18.06
N LYS A 169 13.43 -1.41 18.92
CA LYS A 169 12.35 -1.12 19.87
C LYS A 169 11.04 -0.83 19.16
N ALA A 170 11.10 -0.09 18.05
CA ALA A 170 9.88 0.25 17.31
C ALA A 170 9.32 -0.97 16.57
N LEU A 171 10.20 -1.81 16.03
CA LEU A 171 9.74 -3.07 15.43
C LEU A 171 9.04 -3.95 16.46
N ILE A 172 9.59 -4.03 17.68
CA ILE A 172 8.95 -4.84 18.71
C ILE A 172 7.61 -4.23 19.12
N ALA A 173 7.58 -2.92 19.30
CA ALA A 173 6.33 -2.27 19.67
C ALA A 173 5.23 -2.57 18.67
N ALA A 174 5.59 -2.69 17.40
CA ALA A 174 4.61 -2.96 16.35
C ALA A 174 4.21 -4.43 16.28
N GLY A 175 4.92 -5.29 17.00
CA GLY A 175 4.64 -6.69 17.00
C GLY A 175 5.49 -7.53 16.07
N VAL A 176 6.74 -7.16 15.82
CA VAL A 176 7.61 -7.96 14.96
C VAL A 176 8.05 -9.22 15.70
N ALA A 177 8.26 -10.30 14.94
CA ALA A 177 8.78 -11.55 15.46
C ALA A 177 10.29 -11.72 15.25
N GLY A 178 10.83 -11.19 14.16
CA GLY A 178 12.26 -11.23 13.95
C GLY A 178 12.71 -10.07 13.09
N SER A 179 14.00 -9.80 13.14
CA SER A 179 14.51 -8.66 12.39
C SER A 179 15.91 -8.99 11.90
N HIS A 180 16.23 -8.54 10.69
CA HIS A 180 17.57 -8.78 10.18
C HIS A 180 18.34 -7.46 10.01
N TRP A 181 19.67 -7.57 10.16
CA TRP A 181 20.58 -6.43 10.30
C TRP A 181 21.85 -6.71 9.51
N GLU A 182 22.24 -5.79 8.63
CA GLU A 182 23.35 -6.03 7.72
C GLU A 182 24.54 -5.12 8.01
N ASP A 183 25.70 -5.51 7.50
CA ASP A 183 26.99 -4.91 7.82
C ASP A 183 27.55 -4.02 6.72
N GLN A 184 26.70 -3.24 6.06
CA GLN A 184 27.14 -2.28 5.06
C GLN A 184 26.61 -0.90 5.40
N LEU A 185 27.19 0.11 4.77
CA LEU A 185 26.76 1.50 4.87
C LEU A 185 26.20 1.89 3.51
N ALA A 186 24.92 1.59 3.29
CA ALA A 186 24.29 1.83 1.99
C ALA A 186 24.33 3.31 1.60
N SER A 187 24.27 4.21 2.57
CA SER A 187 24.26 5.63 2.30
C SER A 187 25.60 6.15 1.78
N GLU A 188 26.62 5.28 1.67
CA GLU A 188 27.90 5.66 1.08
C GLU A 188 28.26 4.75 -0.08
N LYS A 189 27.29 4.00 -0.61
CA LYS A 189 27.51 3.20 -1.81
C LYS A 189 28.14 4.07 -2.89
N LYS A 190 29.36 3.72 -3.29
CA LYS A 190 30.03 4.49 -4.30
C LYS A 190 29.57 4.01 -5.67
N CYS A 191 29.34 4.95 -6.58
CA CYS A 191 28.55 4.65 -7.75
C CYS A 191 29.37 4.65 -9.04
N GLY A 192 30.65 4.98 -8.99
CA GLY A 192 31.50 5.01 -10.18
C GLY A 192 31.88 3.64 -10.69
N GLY A 195 33.21 1.63 -7.87
CA GLY A 195 32.28 1.63 -6.77
C GLY A 195 31.95 0.29 -6.14
N GLY A 196 30.74 0.20 -5.60
CA GLY A 196 30.23 -0.98 -4.94
C GLY A 196 29.77 -0.66 -3.54
N LYS A 197 29.25 -1.69 -2.87
CA LYS A 197 28.85 -1.53 -1.49
C LYS A 197 30.08 -1.31 -0.61
N VAL A 198 29.88 -0.61 0.50
CA VAL A 198 30.94 -0.32 1.45
C VAL A 198 30.60 -1.06 2.75
N LEU A 199 31.49 -1.94 3.18
CA LEU A 199 31.30 -2.64 4.44
C LEU A 199 31.68 -1.74 5.62
N ILE A 200 31.23 -2.14 6.81
CA ILE A 200 31.69 -1.57 8.07
C ILE A 200 32.55 -2.61 8.78
N PRO A 201 33.39 -2.23 9.73
CA PRO A 201 34.25 -3.23 10.39
C PRO A 201 33.43 -4.30 11.10
N THR A 202 34.01 -5.49 11.21
CA THR A 202 33.33 -6.63 11.82
C THR A 202 32.81 -6.26 13.22
N GLN A 203 33.66 -5.63 14.03
CA GLN A 203 33.28 -5.24 15.38
C GLN A 203 32.09 -4.29 15.38
N GLN A 204 31.97 -3.42 14.37
CA GLN A 204 30.84 -2.50 14.34
C GLN A 204 29.53 -3.26 14.15
N HIS A 205 29.54 -4.29 13.32
CA HIS A 205 28.30 -5.06 13.16
C HIS A 205 28.03 -5.94 14.37
N ILE A 206 29.07 -6.42 15.06
CA ILE A 206 28.81 -7.06 16.34
C ILE A 206 28.15 -6.04 17.28
N ARG A 207 28.57 -4.78 17.22
CA ARG A 207 27.90 -3.74 17.98
C ARG A 207 26.42 -3.63 17.58
N THR A 208 26.15 -3.71 16.28
CA THR A 208 24.76 -3.61 15.83
C THR A 208 23.93 -4.76 16.39
N LEU A 209 24.44 -5.98 16.28
CA LEU A 209 23.69 -7.14 16.77
C LEU A 209 23.51 -7.08 18.27
N THR A 210 24.51 -6.58 18.99
CA THR A 210 24.40 -6.45 20.42
C THR A 210 23.35 -5.41 20.79
N SER A 211 23.36 -4.28 20.09
CA SER A 211 22.32 -3.28 20.24
C SER A 211 20.92 -3.88 20.03
N ALA A 212 20.74 -4.66 18.96
CA ALA A 212 19.43 -5.24 18.68
C ALA A 212 19.00 -6.23 19.76
N ARG A 213 19.94 -7.07 20.23
CA ARG A 213 19.60 -7.97 21.31
C ARG A 213 19.27 -7.20 22.59
N LEU A 214 20.01 -6.13 22.86
CA LEU A 214 19.72 -5.35 24.06
C LEU A 214 18.34 -4.73 24.00
N ALA A 215 17.95 -4.20 22.83
CA ALA A 215 16.62 -3.63 22.72
C ALA A 215 15.55 -4.69 22.93
N ALA A 216 15.76 -5.89 22.38
CA ALA A 216 14.81 -6.97 22.61
C ALA A 216 14.73 -7.33 24.10
N ASP A 217 15.88 -7.37 24.78
CA ASP A 217 15.90 -7.71 26.19
C ASP A 217 15.18 -6.64 27.02
N VAL A 218 15.49 -5.37 26.77
CA VAL A 218 14.85 -4.31 27.55
C VAL A 218 13.34 -4.31 27.34
N ALA A 219 12.89 -4.65 26.13
CA ALA A 219 11.47 -4.84 25.85
C ALA A 219 10.94 -6.17 26.35
N ASP A 220 11.80 -7.05 26.85
CA ASP A 220 11.39 -8.31 27.48
C ASP A 220 10.69 -9.26 26.48
N VAL A 221 11.17 -9.32 25.25
CA VAL A 221 10.63 -10.28 24.29
C VAL A 221 11.76 -11.06 23.62
N PRO A 222 11.57 -12.34 23.26
CA PRO A 222 12.64 -13.15 22.68
C PRO A 222 12.75 -13.04 21.17
N THR A 223 12.82 -11.79 20.68
CA THR A 223 12.88 -11.51 19.25
C THR A 223 14.00 -12.30 18.59
N VAL A 224 13.74 -12.77 17.38
CA VAL A 224 14.70 -13.53 16.59
C VAL A 224 15.60 -12.55 15.83
N VAL A 225 16.92 -12.73 15.92
CA VAL A 225 17.87 -11.78 15.38
C VAL A 225 18.64 -12.45 14.25
N ILE A 226 18.61 -11.82 13.07
CA ILE A 226 19.25 -12.33 11.88
C ILE A 226 20.36 -11.37 11.49
N ALA A 227 21.57 -11.92 11.33
CA ALA A 227 22.73 -11.15 10.91
C ALA A 227 22.95 -11.40 9.43
N ARG A 228 23.06 -10.34 8.66
CA ARG A 228 23.31 -10.41 7.23
C ARG A 228 24.67 -9.82 6.91
N THR A 229 25.44 -10.51 6.07
CA THR A 229 26.72 -9.98 5.62
C THR A 229 26.69 -9.71 4.12
N ASP A 230 27.21 -8.55 3.72
CA ASP A 230 27.24 -8.12 2.34
C ASP A 230 28.62 -8.28 1.72
N ALA A 231 29.45 -9.17 2.29
CA ALA A 231 30.84 -9.29 1.91
C ALA A 231 31.06 -10.08 0.62
N GLU A 232 30.04 -10.75 0.10
CA GLU A 232 30.19 -11.40 -1.21
C GLU A 232 30.56 -10.39 -2.28
N ALA A 233 29.78 -9.30 -2.39
CA ALA A 233 29.96 -8.37 -3.49
C ALA A 233 30.67 -7.08 -3.10
N ALA A 234 30.63 -6.68 -1.83
CA ALA A 234 31.19 -5.39 -1.46
C ALA A 234 32.68 -5.32 -1.77
N THR A 235 33.10 -4.19 -2.36
CA THR A 235 34.49 -3.98 -2.75
C THR A 235 35.24 -3.01 -1.84
N LEU A 236 34.55 -2.26 -1.00
CA LEU A 236 35.15 -1.24 -0.15
C LEU A 236 34.79 -1.50 1.30
N ILE A 237 35.54 -0.88 2.20
CA ILE A 237 35.27 -0.95 3.64
C ILE A 237 35.72 0.36 4.25
N THR A 238 35.01 0.81 5.30
CA THR A 238 35.29 2.15 5.83
C THR A 238 36.66 2.22 6.50
N SER A 239 37.09 1.16 7.17
CA SER A 239 38.33 1.25 7.94
C SER A 239 38.98 -0.12 8.03
N ASP A 240 40.30 -0.11 8.24
CA ASP A 240 41.08 -1.33 8.42
C ASP A 240 41.37 -1.61 9.89
N VAL A 241 40.63 -0.98 10.80
CA VAL A 241 40.98 -1.04 12.20
C VAL A 241 40.76 -2.44 12.78
N ASP A 242 39.87 -3.24 12.20
CA ASP A 242 39.58 -4.57 12.74
C ASP A 242 40.52 -5.59 12.11
N GLU A 243 41.20 -6.37 12.96
CA GLU A 243 42.19 -7.32 12.47
C GLU A 243 41.54 -8.44 11.65
N ARG A 244 40.28 -8.77 11.96
CA ARG A 244 39.58 -9.78 11.20
C ARG A 244 39.33 -9.33 9.76
N ASP A 245 39.22 -8.03 9.53
CA ASP A 245 39.02 -7.50 8.19
C ASP A 245 40.32 -7.30 7.44
N GLN A 246 41.45 -7.20 8.14
CA GLN A 246 42.71 -6.87 7.49
C GLN A 246 43.18 -7.91 6.46
N PRO A 247 42.99 -9.23 6.63
CA PRO A 247 43.47 -10.17 5.60
C PRO A 247 42.96 -9.85 4.21
N PHE A 248 41.79 -9.23 4.08
CA PHE A 248 41.23 -8.95 2.76
C PHE A 248 41.51 -7.55 2.27
N ILE A 249 42.07 -6.68 3.13
CA ILE A 249 42.42 -5.32 2.73
C ILE A 249 43.58 -5.36 1.76
N THR A 250 43.42 -4.71 0.60
CA THR A 250 44.51 -4.67 -0.38
C THR A 250 45.53 -3.58 -0.07
N GLY A 251 45.16 -2.55 0.71
CA GLY A 251 46.04 -1.45 1.00
C GLY A 251 45.75 -0.18 0.23
N GLU A 252 44.97 -0.26 -0.85
CA GLU A 252 44.58 0.94 -1.58
C GLU A 252 43.40 1.62 -0.90
N ARG A 253 43.41 2.96 -0.97
CA ARG A 253 42.33 3.80 -0.44
C ARG A 253 41.76 4.69 -1.53
N THR A 254 40.43 4.84 -1.51
CA THR A 254 39.74 5.70 -2.47
C THR A 254 39.78 7.16 -2.01
N ARG A 255 39.28 8.06 -2.86
CA ARG A 255 39.32 9.48 -2.56
C ARG A 255 38.44 9.86 -1.38
N GLU A 256 37.56 8.97 -0.95
CA GLU A 256 36.78 9.17 0.26
C GLU A 256 37.46 8.63 1.51
N GLY A 257 38.56 7.89 1.35
CA GLY A 257 39.22 7.24 2.46
C GLY A 257 38.82 5.79 2.67
N PHE A 258 38.00 5.23 1.79
CA PHE A 258 37.60 3.84 1.96
C PHE A 258 38.71 2.91 1.50
N TYR A 259 38.77 1.74 2.13
CA TYR A 259 39.77 0.73 1.84
C TYR A 259 39.19 -0.33 0.90
N ARG A 260 39.93 -0.66 -0.15
CA ARG A 260 39.56 -1.76 -1.04
C ARG A 260 39.77 -3.11 -0.37
N THR A 261 38.83 -4.03 -0.59
CA THR A 261 38.84 -5.31 0.10
C THR A 261 38.46 -6.45 -0.86
N LYS A 262 39.13 -7.61 -0.74
CA LYS A 262 38.77 -8.74 -1.58
C LYS A 262 37.41 -9.27 -1.16
N ASN A 263 36.48 -9.34 -2.10
CA ASN A 263 35.14 -9.80 -1.78
C ASN A 263 35.03 -11.29 -2.10
N GLY A 264 33.88 -11.87 -1.77
CA GLY A 264 33.56 -13.24 -2.09
C GLY A 264 33.16 -14.03 -0.86
N ILE A 265 33.12 -15.35 -1.03
CA ILE A 265 32.60 -16.23 0.00
C ILE A 265 33.54 -16.30 1.19
N GLU A 266 34.83 -16.09 0.97
CA GLU A 266 35.79 -16.21 2.07
C GLU A 266 35.55 -15.16 3.16
N PRO A 267 35.49 -13.85 2.87
CA PRO A 267 35.14 -12.90 3.95
C PRO A 267 33.73 -13.10 4.48
N CYS A 268 32.84 -13.72 3.72
CA CYS A 268 31.50 -13.97 4.25
C CYS A 268 31.53 -15.09 5.29
N ILE A 269 32.37 -16.09 5.06
CA ILE A 269 32.52 -17.14 6.06
C ILE A 269 33.17 -16.58 7.31
N ALA A 270 34.18 -15.74 7.12
CA ALA A 270 34.86 -15.16 8.27
C ALA A 270 33.90 -14.32 9.10
N ARG A 271 33.15 -13.43 8.44
CA ARG A 271 32.23 -12.57 9.17
C ARG A 271 31.10 -13.36 9.79
N ALA A 272 30.58 -14.37 9.09
CA ALA A 272 29.52 -15.20 9.65
C ALA A 272 29.99 -15.90 10.92
N LYS A 273 31.22 -16.42 10.92
CA LYS A 273 31.76 -17.02 12.15
C LYS A 273 31.88 -15.96 13.25
N ALA A 274 32.30 -14.75 12.89
CA ALA A 274 32.37 -13.69 13.91
C ALA A 274 30.99 -13.32 14.46
N TYR A 275 29.95 -13.37 13.62
CA TYR A 275 28.61 -12.93 14.02
C TYR A 275 27.83 -14.00 14.75
N ALA A 276 28.16 -15.28 14.51
CA ALA A 276 27.34 -16.39 15.02
C ALA A 276 26.97 -16.30 16.50
N PRO A 277 27.86 -15.95 17.43
CA PRO A 277 27.45 -15.88 18.84
C PRO A 277 26.39 -14.84 19.11
N PHE A 278 26.18 -13.89 18.20
CA PHE A 278 25.25 -12.78 18.42
C PHE A 278 24.03 -12.86 17.52
N ALA A 279 23.82 -13.98 16.85
CA ALA A 279 22.77 -14.06 15.85
C ALA A 279 22.04 -15.40 15.94
N ASP A 280 20.71 -15.36 16.01
CA ASP A 280 19.92 -16.58 15.92
C ASP A 280 19.94 -17.17 14.50
N LEU A 281 20.02 -16.33 13.46
CA LEU A 281 20.22 -16.88 12.12
C LEU A 281 21.22 -16.03 11.36
N ILE A 282 21.95 -16.67 10.46
CA ILE A 282 22.96 -15.97 9.65
C ILE A 282 22.61 -16.06 8.17
N TRP A 283 22.79 -14.94 7.47
CA TRP A 283 22.34 -14.76 6.09
C TRP A 283 23.48 -14.13 5.28
N MET A 284 23.94 -14.85 4.26
CA MET A 284 24.91 -14.34 3.29
C MET A 284 24.12 -13.80 2.11
N GLU A 285 24.09 -12.48 1.97
CA GLU A 285 23.45 -11.90 0.80
C GLU A 285 24.19 -12.31 -0.47
N THR A 286 23.45 -12.78 -1.46
CA THR A 286 24.04 -13.26 -2.70
C THR A 286 23.20 -12.79 -3.88
N GLY A 287 23.88 -12.54 -5.01
CA GLY A 287 23.18 -12.06 -6.19
C GLY A 287 22.58 -13.14 -7.08
N THR A 288 23.35 -14.19 -7.34
CA THR A 288 22.86 -15.29 -8.15
C THR A 288 22.68 -16.52 -7.29
N PRO A 289 21.52 -17.17 -7.35
CA PRO A 289 21.34 -18.44 -6.64
C PRO A 289 22.37 -19.49 -7.08
N ASP A 290 23.02 -20.09 -6.09
CA ASP A 290 24.15 -20.97 -6.34
C ASP A 290 24.15 -22.02 -5.23
N LEU A 291 23.68 -23.24 -5.54
CA LEU A 291 23.68 -24.30 -4.54
C LEU A 291 25.07 -24.62 -4.03
N GLU A 292 26.10 -24.54 -4.89
CA GLU A 292 27.44 -24.88 -4.44
C GLU A 292 27.96 -23.86 -3.45
N ALA A 293 27.78 -22.57 -3.75
CA ALA A 293 28.19 -21.52 -2.82
C ALA A 293 27.42 -21.60 -1.52
N ALA A 294 26.11 -21.85 -1.61
CA ALA A 294 25.32 -22.05 -0.40
C ALA A 294 25.84 -23.22 0.42
N ARG A 295 26.19 -24.33 -0.25
CA ARG A 295 26.72 -25.49 0.45
C ARG A 295 28.05 -25.18 1.12
N GLN A 296 28.94 -24.49 0.40
CA GLN A 296 30.24 -24.18 0.95
C GLN A 296 30.13 -23.24 2.16
N PHE A 297 29.29 -22.20 2.06
CA PHE A 297 29.09 -21.28 3.17
C PHE A 297 28.45 -22.00 4.36
N SER A 298 27.32 -22.67 4.13
CA SER A 298 26.70 -23.54 5.12
C SER A 298 27.70 -24.43 5.84
N GLU A 299 28.51 -25.17 5.09
CA GLU A 299 29.38 -26.15 5.70
C GLU A 299 30.51 -25.48 6.48
N ALA A 300 31.10 -24.42 5.92
CA ALA A 300 32.13 -23.70 6.65
C ALA A 300 31.59 -23.15 7.96
N VAL A 301 30.38 -22.61 7.96
CA VAL A 301 29.84 -22.04 9.18
C VAL A 301 29.52 -23.14 10.18
N LYS A 302 28.90 -24.23 9.73
CA LYS A 302 28.50 -25.27 10.66
C LYS A 302 29.69 -26.09 11.17
N ALA A 303 30.84 -26.03 10.47
CA ALA A 303 32.04 -26.68 11.00
C ALA A 303 32.43 -26.09 12.36
N GLU A 304 32.19 -24.79 12.56
CA GLU A 304 32.42 -24.22 13.88
C GLU A 304 31.16 -24.19 14.74
N TYR A 305 29.99 -24.01 14.14
CA TYR A 305 28.74 -23.92 14.89
C TYR A 305 27.73 -24.87 14.24
N PRO A 306 27.84 -26.17 14.52
CA PRO A 306 26.96 -27.13 13.83
C PRO A 306 25.48 -26.88 14.05
N ASP A 307 25.10 -26.12 15.08
CA ASP A 307 23.70 -25.84 15.33
C ASP A 307 23.22 -24.52 14.75
N GLN A 308 24.12 -23.73 14.15
CA GLN A 308 23.78 -22.40 13.66
C GLN A 308 22.79 -22.52 12.51
N MET A 309 21.64 -21.87 12.66
CA MET A 309 20.66 -21.80 11.58
C MET A 309 20.98 -20.68 10.59
N LEU A 310 20.64 -20.93 9.33
CA LEU A 310 20.95 -19.99 8.27
C LEU A 310 19.66 -19.53 7.60
N ALA A 311 19.75 -18.37 6.94
CA ALA A 311 18.66 -17.78 6.19
C ALA A 311 19.12 -17.50 4.77
N TYR A 312 18.16 -17.54 3.83
CA TYR A 312 18.46 -17.49 2.40
C TYR A 312 17.40 -16.69 1.65
N ASN A 313 17.82 -15.66 0.93
CA ASN A 313 16.93 -14.96 0.02
C ASN A 313 17.04 -15.63 -1.35
N CYS A 314 15.91 -16.00 -1.93
CA CYS A 314 15.89 -16.55 -3.27
C CYS A 314 15.67 -15.41 -4.24
N SER A 315 16.61 -15.22 -5.16
CA SER A 315 16.70 -14.00 -5.94
C SER A 315 15.43 -13.77 -6.76
N PRO A 316 14.76 -12.62 -6.60
CA PRO A 316 13.59 -12.33 -7.44
C PRO A 316 13.95 -11.86 -8.83
N SER A 317 15.19 -11.44 -9.07
CA SER A 317 15.61 -10.94 -10.37
C SER A 317 16.32 -11.97 -11.21
N PHE A 318 16.91 -12.99 -10.60
CA PHE A 318 17.55 -14.07 -11.35
C PHE A 318 16.58 -14.63 -12.38
N ASN A 319 17.05 -14.81 -13.60
CA ASN A 319 16.18 -15.44 -14.61
C ASN A 319 16.22 -16.95 -14.32
N TRP A 320 15.34 -17.36 -13.39
CA TRP A 320 15.47 -18.67 -12.79
C TRP A 320 15.52 -19.71 -13.85
N LYS A 321 14.70 -19.52 -14.79
CA LYS A 321 14.51 -20.70 -15.54
C LYS A 321 15.61 -20.64 -16.63
N LYS A 322 15.92 -19.45 -17.17
CA LYS A 322 16.82 -19.40 -18.31
C LYS A 322 18.02 -20.30 -18.09
N HIS A 323 18.30 -20.51 -16.80
CA HIS A 323 19.47 -21.14 -16.26
C HIS A 323 19.18 -22.44 -15.52
N LEU A 324 17.93 -22.73 -15.14
CA LEU A 324 17.70 -23.97 -14.39
C LEU A 324 16.57 -24.77 -14.99
N ASP A 325 16.67 -26.11 -14.91
CA ASP A 325 15.55 -26.91 -15.37
C ASP A 325 14.44 -26.91 -14.32
N ASP A 326 13.28 -27.45 -14.70
CA ASP A 326 12.12 -27.38 -13.81
C ASP A 326 12.37 -28.12 -12.51
N ALA A 327 13.15 -29.20 -12.55
CA ALA A 327 13.32 -30.02 -11.35
C ALA A 327 14.24 -29.34 -10.35
N THR A 328 15.29 -28.66 -10.84
CA THR A 328 16.16 -27.92 -9.93
C THR A 328 15.39 -26.78 -9.27
N ILE A 329 14.62 -26.04 -10.07
CA ILE A 329 13.77 -24.98 -9.53
C ILE A 329 12.83 -25.55 -8.46
N ALA A 330 12.25 -26.72 -8.72
CA ALA A 330 11.29 -27.30 -7.81
C ALA A 330 11.94 -27.80 -6.53
N LYS A 331 13.20 -28.19 -6.57
CA LYS A 331 13.83 -28.71 -5.36
C LYS A 331 14.69 -27.70 -4.60
N PHE A 332 14.87 -26.48 -5.15
CA PHE A 332 15.84 -25.52 -4.63
C PHE A 332 15.73 -25.31 -3.12
N GLN A 333 14.53 -24.98 -2.64
CA GLN A 333 14.36 -24.66 -1.23
C GLN A 333 14.57 -25.89 -0.35
N LYS A 334 14.16 -27.07 -0.83
CA LYS A 334 14.37 -28.29 -0.05
C LYS A 334 15.86 -28.64 0.08
N GLU A 335 16.62 -28.47 -1.00
CA GLU A 335 18.06 -28.68 -0.90
C GLU A 335 18.67 -27.74 0.12
N LEU A 336 18.36 -26.44 -0.04
CA LEU A 336 18.88 -25.44 0.88
C LEU A 336 18.51 -25.79 2.32
N ALA A 337 17.27 -26.22 2.53
CA ALA A 337 16.84 -26.55 3.88
C ALA A 337 17.68 -27.67 4.44
N ALA A 338 17.95 -28.70 3.63
CA ALA A 338 18.84 -29.77 4.04
C ALA A 338 20.21 -29.23 4.42
N MET A 339 20.62 -28.10 3.85
CA MET A 339 21.90 -27.56 4.26
C MET A 339 21.84 -26.72 5.53
N GLY A 340 20.65 -26.49 6.10
CA GLY A 340 20.52 -25.69 7.30
C GLY A 340 19.92 -24.31 7.09
N PHE A 341 19.49 -23.98 5.87
CA PHE A 341 18.82 -22.72 5.60
C PHE A 341 17.36 -22.90 6.00
N LYS A 342 17.07 -22.56 7.26
CA LYS A 342 15.79 -22.81 7.89
C LYS A 342 14.77 -21.68 7.74
N PHE A 343 15.21 -20.50 7.29
CA PHE A 343 14.30 -19.42 6.90
C PHE A 343 14.63 -18.99 5.48
N GLN A 344 13.65 -19.09 4.59
CA GLN A 344 13.84 -18.74 3.18
C GLN A 344 12.70 -17.84 2.71
N PHE A 345 13.01 -16.94 1.79
CA PHE A 345 12.05 -15.91 1.41
C PHE A 345 12.36 -15.38 0.03
N ILE A 346 11.36 -14.77 -0.59
CA ILE A 346 11.56 -13.97 -1.80
C ILE A 346 11.27 -12.52 -1.45
N THR A 347 12.32 -11.70 -1.40
CA THR A 347 12.19 -10.32 -0.90
C THR A 347 11.12 -9.53 -1.64
N LEU A 348 11.09 -9.63 -2.98
CA LEU A 348 10.30 -8.73 -3.80
C LEU A 348 9.05 -9.39 -4.39
N ALA A 349 8.56 -10.46 -3.75
CA ALA A 349 7.35 -11.13 -4.25
C ALA A 349 6.19 -10.15 -4.37
N GLY A 350 5.98 -9.32 -3.36
CA GLY A 350 4.84 -8.42 -3.40
C GLY A 350 4.98 -7.34 -4.45
N PHE A 351 6.16 -6.75 -4.57
CA PHE A 351 6.41 -5.75 -5.61
C PHE A 351 6.04 -6.29 -6.98
N HIS A 352 6.50 -7.50 -7.30
CA HIS A 352 6.23 -8.08 -8.61
C HIS A 352 4.76 -8.46 -8.77
N ALA A 353 4.16 -9.08 -7.75
CA ALA A 353 2.74 -9.41 -7.88
C ALA A 353 1.88 -8.16 -8.08
N LEU A 354 2.15 -7.08 -7.32
CA LEU A 354 1.37 -5.86 -7.43
C LEU A 354 1.57 -5.18 -8.77
N ASN A 355 2.83 -4.94 -9.13
CA ASN A 355 3.09 -4.23 -10.38
C ASN A 355 2.58 -5.03 -11.57
N TYR A 356 2.80 -6.34 -11.58
CA TYR A 356 2.39 -7.12 -12.73
C TYR A 356 0.88 -7.20 -12.83
N SER A 357 0.20 -7.52 -11.72
CA SER A 357 -1.24 -7.70 -11.82
C SER A 357 -1.91 -6.40 -12.26
N MET A 358 -1.42 -5.26 -11.75
CA MET A 358 -2.03 -4.01 -12.17
C MET A 358 -1.68 -3.67 -13.61
N PHE A 359 -0.44 -3.96 -14.07
CA PHE A 359 -0.13 -3.66 -15.47
C PHE A 359 -0.97 -4.52 -16.40
N ASP A 360 -1.09 -5.81 -16.11
CA ASP A 360 -1.84 -6.70 -16.98
C ASP A 360 -3.31 -6.30 -17.03
N LEU A 361 -3.92 -6.07 -15.86
CA LEU A 361 -5.31 -5.62 -15.84
C LEU A 361 -5.47 -4.31 -16.59
N ALA A 362 -4.59 -3.33 -16.33
CA ALA A 362 -4.77 -2.00 -16.88
C ALA A 362 -4.59 -2.00 -18.39
N TYR A 363 -3.65 -2.81 -18.89
CA TYR A 363 -3.45 -2.90 -20.34
C TYR A 363 -4.66 -3.54 -21.00
N GLY A 364 -5.12 -4.66 -20.46
CA GLY A 364 -6.35 -5.25 -20.95
C GLY A 364 -7.49 -4.25 -20.96
N TYR A 365 -7.62 -3.47 -19.88
CA TYR A 365 -8.69 -2.50 -19.75
C TYR A 365 -8.55 -1.39 -20.79
N ALA A 366 -7.35 -0.85 -20.97
CA ALA A 366 -7.14 0.19 -21.96
C ALA A 366 -7.54 -0.29 -23.35
N GLN A 367 -7.40 -1.59 -23.63
CA GLN A 367 -7.73 -2.07 -24.96
C GLN A 367 -9.15 -2.58 -25.09
N ASN A 368 -9.73 -3.16 -24.05
CA ASN A 368 -11.03 -3.81 -24.17
C ASN A 368 -12.01 -3.48 -23.05
N GLN A 369 -11.74 -2.47 -22.21
CA GLN A 369 -12.60 -2.09 -21.11
C GLN A 369 -13.07 -3.29 -20.27
N MET A 370 -14.38 -3.49 -20.14
CA MET A 370 -14.88 -4.41 -19.12
C MET A 370 -14.47 -5.87 -19.34
N SER A 371 -14.07 -6.25 -20.57
CA SER A 371 -13.74 -7.66 -20.82
C SER A 371 -12.52 -8.09 -20.02
N ALA A 372 -11.55 -7.17 -19.85
CA ALA A 372 -10.36 -7.45 -19.05
C ALA A 372 -10.69 -7.64 -17.58
N TYR A 373 -11.55 -6.76 -17.04
CA TYR A 373 -11.93 -6.97 -15.65
C TYR A 373 -12.63 -8.30 -15.49
N VAL A 374 -13.49 -8.66 -16.46
CA VAL A 374 -14.22 -9.91 -16.34
C VAL A 374 -13.27 -11.09 -16.37
N GLU A 375 -12.16 -11.00 -17.11
CA GLU A 375 -11.16 -12.05 -17.02
C GLU A 375 -10.63 -12.20 -15.60
N LEU A 376 -10.28 -11.08 -14.96
CA LEU A 376 -9.77 -11.17 -13.59
C LEU A 376 -10.83 -11.70 -12.63
N GLN A 377 -12.08 -11.25 -12.80
CA GLN A 377 -13.14 -11.69 -11.90
C GLN A 377 -13.39 -13.19 -12.01
N GLU A 378 -13.34 -13.72 -13.24
CA GLU A 378 -13.52 -15.15 -13.44
C GLU A 378 -12.38 -15.95 -12.80
N ARG A 379 -11.14 -15.45 -12.92
CA ARG A 379 -10.06 -16.13 -12.23
C ARG A 379 -10.26 -16.10 -10.71
N GLU A 380 -10.79 -15.00 -10.17
CA GLU A 380 -11.06 -14.95 -8.73
C GLU A 380 -12.11 -15.99 -8.33
N PHE A 381 -13.21 -16.06 -9.10
CA PHE A 381 -14.22 -17.08 -8.87
C PHE A 381 -13.59 -18.47 -8.86
N ALA A 382 -12.81 -18.78 -9.89
CA ALA A 382 -12.13 -20.07 -9.94
C ALA A 382 -11.30 -20.32 -8.69
N ALA A 383 -10.55 -19.31 -8.25
CA ALA A 383 -9.68 -19.46 -7.09
C ALA A 383 -10.45 -19.76 -5.81
N GLU A 384 -11.73 -19.38 -5.73
CA GLU A 384 -12.51 -19.71 -4.54
C GLU A 384 -12.39 -21.19 -4.17
N GLU A 385 -12.23 -22.04 -5.17
CA GLU A 385 -12.14 -23.48 -4.94
C GLU A 385 -10.94 -23.85 -4.07
N ARG A 386 -9.87 -23.06 -4.11
CA ARG A 386 -8.69 -23.26 -3.29
C ARG A 386 -8.73 -22.50 -1.96
N GLY A 387 -9.85 -21.84 -1.65
CA GLY A 387 -9.99 -21.11 -0.40
C GLY A 387 -9.98 -19.59 -0.52
N TYR A 388 -9.77 -19.04 -1.71
CA TYR A 388 -9.80 -17.58 -1.87
C TYR A 388 -11.17 -17.03 -1.45
N THR A 389 -11.15 -15.92 -0.69
CA THR A 389 -12.38 -15.35 -0.16
C THR A 389 -12.61 -13.88 -0.53
N ALA A 390 -11.66 -13.22 -1.21
CA ALA A 390 -11.77 -11.78 -1.41
C ALA A 390 -12.80 -11.41 -2.48
N THR A 391 -13.37 -12.38 -3.19
CA THR A 391 -14.51 -12.10 -4.05
C THR A 391 -15.67 -11.55 -3.23
N LYS A 392 -15.78 -11.99 -1.99
CA LYS A 392 -16.75 -11.44 -1.05
C LYS A 392 -16.05 -10.26 -0.35
N HIS A 393 -16.05 -9.13 -1.04
CA HIS A 393 -15.17 -8.00 -0.70
C HIS A 393 -15.59 -7.30 0.59
N GLN A 394 -16.89 -7.06 0.77
CA GLN A 394 -17.32 -6.40 2.00
C GLN A 394 -16.93 -7.22 3.21
N ARG A 395 -17.21 -8.53 3.15
CA ARG A 395 -16.86 -9.42 4.25
C ARG A 395 -15.34 -9.50 4.41
N GLU A 396 -14.60 -9.44 3.31
CA GLU A 396 -13.14 -9.50 3.41
C GLU A 396 -12.57 -8.33 4.21
N VAL A 397 -13.17 -7.14 4.10
CA VAL A 397 -12.62 -6.00 4.84
C VAL A 397 -13.38 -5.71 6.13
N GLY A 398 -14.23 -6.63 6.59
CA GLY A 398 -14.81 -6.56 7.91
C GLY A 398 -16.25 -6.09 8.03
N ALA A 399 -17.00 -6.06 6.93
CA ALA A 399 -18.36 -5.52 6.99
C ALA A 399 -19.24 -6.30 7.97
N GLY A 400 -19.13 -7.63 7.96
CA GLY A 400 -19.91 -8.41 8.91
C GLY A 400 -19.45 -8.23 10.35
N TYR A 401 -18.15 -8.10 10.55
CA TYR A 401 -17.61 -7.85 11.88
C TYR A 401 -18.15 -6.53 12.46
N PHE A 402 -18.12 -5.47 11.65
CA PHE A 402 -18.60 -4.19 12.17
C PHE A 402 -20.12 -4.19 12.28
N ASP A 403 -20.81 -4.97 11.42
CA ASP A 403 -22.23 -5.18 11.63
C ASP A 403 -22.50 -5.83 12.97
N ARG A 404 -21.65 -6.79 13.35
CA ARG A 404 -21.86 -7.44 14.64
C ARG A 404 -21.63 -6.46 15.78
N ILE A 405 -20.63 -5.58 15.65
CA ILE A 405 -20.47 -4.54 16.66
C ILE A 405 -21.74 -3.69 16.74
N ALA A 406 -22.26 -3.26 15.58
CA ALA A 406 -23.45 -2.41 15.59
C ALA A 406 -24.63 -3.13 16.23
N THR A 407 -24.75 -4.44 15.99
CA THR A 407 -25.82 -5.24 16.57
C THR A 407 -25.63 -5.42 18.08
N THR A 408 -24.39 -5.60 18.52
CA THR A 408 -24.12 -5.67 19.94
C THR A 408 -24.53 -4.40 20.65
N VAL A 409 -24.23 -3.26 20.03
CA VAL A 409 -24.47 -1.97 20.65
C VAL A 409 -25.96 -1.62 20.65
N ASP A 410 -26.70 -2.07 19.64
CA ASP A 410 -28.15 -1.83 19.53
C ASP A 410 -28.94 -2.72 20.49
N PRO A 411 -29.67 -2.15 21.46
CA PRO A 411 -30.43 -2.96 22.42
C PRO A 411 -31.73 -3.54 21.87
N ASN A 412 -32.09 -3.26 20.62
CA ASN A 412 -33.29 -3.81 20.00
C ASN A 412 -32.95 -4.90 18.99
N SER A 413 -31.67 -5.20 18.80
CA SER A 413 -31.23 -6.32 17.98
C SER A 413 -30.48 -7.31 18.84
N SER A 414 -30.57 -8.58 18.45
CA SER A 414 -29.92 -9.67 19.18
C SER A 414 -28.80 -10.23 18.35
N THR A 415 -27.76 -10.68 19.03
CA THR A 415 -26.57 -11.17 18.38
C THR A 415 -26.65 -12.67 18.20
N THR A 416 -26.24 -13.14 17.03
CA THR A 416 -25.99 -14.57 16.78
C THR A 416 -25.08 -15.15 17.85
N ALA A 417 -25.46 -16.30 18.40
CA ALA A 417 -24.55 -17.01 19.29
C ALA A 417 -23.58 -17.84 18.48
N LEU A 418 -22.32 -17.87 18.92
CA LEU A 418 -21.30 -18.67 18.25
C LEU A 418 -21.22 -20.06 18.85
N SER B 2 9.11 40.93 -1.10
CA SER B 2 8.67 39.95 -2.08
C SER B 2 7.17 40.07 -2.41
N VAL B 3 6.83 39.81 -3.68
CA VAL B 3 5.46 39.81 -4.18
C VAL B 3 4.98 38.43 -4.56
N VAL B 4 5.80 37.39 -4.31
CA VAL B 4 5.43 36.02 -4.66
C VAL B 4 4.08 35.68 -4.07
N GLY B 5 3.22 35.10 -4.90
CA GLY B 5 1.94 34.60 -4.42
C GLY B 5 0.91 35.67 -4.13
N THR B 6 1.00 36.84 -4.77
CA THR B 6 0.03 37.90 -4.50
C THR B 6 -1.35 37.46 -4.98
N PRO B 7 -2.38 37.63 -4.17
CA PRO B 7 -3.72 37.20 -4.59
C PRO B 7 -4.23 38.03 -5.76
N LYS B 8 -5.12 37.43 -6.54
CA LYS B 8 -5.86 38.20 -7.51
C LYS B 8 -6.90 39.08 -6.82
N SER B 9 -7.43 40.05 -7.55
CA SER B 9 -8.54 40.87 -7.11
C SER B 9 -9.87 40.19 -7.40
N ALA B 10 -10.91 40.65 -6.70
CA ALA B 10 -12.26 40.19 -7.00
C ALA B 10 -12.61 40.41 -8.47
N GLU B 11 -12.12 41.49 -9.07
CA GLU B 11 -12.48 41.77 -10.45
C GLU B 11 -11.91 40.71 -11.39
N GLN B 12 -10.64 40.35 -11.21
CA GLN B 12 -10.05 39.33 -12.08
C GLN B 12 -10.79 38.01 -11.95
N ILE B 13 -11.07 37.61 -10.70
CA ILE B 13 -11.78 36.36 -10.45
C ILE B 13 -13.15 36.38 -11.10
N GLN B 14 -13.91 37.45 -10.87
CA GLN B 14 -15.24 37.57 -11.46
C GLN B 14 -15.16 37.50 -12.97
N GLN B 15 -14.15 38.13 -13.55
CA GLN B 15 -14.01 38.14 -15.00
C GLN B 15 -13.73 36.75 -15.51
N GLU B 16 -12.97 35.97 -14.75
CA GLU B 16 -12.71 34.61 -15.21
C GLU B 16 -13.97 33.75 -15.09
N TRP B 17 -14.75 33.94 -14.02
CA TRP B 17 -16.01 33.22 -13.90
C TRP B 17 -16.96 33.62 -15.03
N ASP B 18 -16.89 34.88 -15.47
CA ASP B 18 -17.82 35.38 -16.47
C ASP B 18 -17.43 34.92 -17.87
N THR B 19 -16.12 34.90 -18.18
CA THR B 19 -15.64 34.66 -19.54
C THR B 19 -15.04 33.29 -19.79
N ASN B 20 -14.50 32.60 -18.78
CA ASN B 20 -13.85 31.33 -19.07
C ASN B 20 -14.91 30.28 -19.36
N PRO B 21 -14.84 29.61 -20.51
CA PRO B 21 -15.85 28.57 -20.80
C PRO B 21 -15.90 27.47 -19.75
N ARG B 22 -14.84 27.30 -18.96
CA ARG B 22 -14.81 26.32 -17.89
C ARG B 22 -15.99 26.49 -16.95
N TRP B 23 -16.38 27.74 -16.70
CA TRP B 23 -17.42 28.05 -15.74
C TRP B 23 -18.78 28.32 -16.39
N LYS B 24 -18.93 28.01 -17.67
CA LYS B 24 -20.26 28.00 -18.26
C LYS B 24 -21.14 27.06 -17.45
N ASP B 25 -22.32 27.55 -17.05
CA ASP B 25 -23.29 26.70 -16.35
C ASP B 25 -22.76 26.16 -15.01
N VAL B 26 -21.90 26.91 -14.34
CA VAL B 26 -21.43 26.60 -12.99
C VAL B 26 -21.97 27.69 -12.07
N THR B 27 -22.87 27.31 -11.15
CA THR B 27 -23.47 28.29 -10.25
C THR B 27 -22.64 28.40 -8.98
N ARG B 28 -22.26 29.63 -8.62
CA ARG B 28 -21.63 29.94 -7.34
C ARG B 28 -22.56 30.91 -6.63
N THR B 29 -23.16 30.46 -5.53
CA THR B 29 -24.05 31.32 -4.76
C THR B 29 -23.31 32.31 -3.88
N TYR B 30 -21.99 32.22 -3.80
CA TYR B 30 -21.17 33.18 -3.10
C TYR B 30 -20.48 34.08 -4.13
N SER B 31 -19.85 35.13 -3.65
CA SER B 31 -19.32 36.17 -4.52
C SER B 31 -17.81 36.04 -4.68
N ALA B 32 -17.27 36.74 -5.68
CA ALA B 32 -15.82 36.78 -5.83
C ALA B 32 -15.16 37.45 -4.63
N GLU B 33 -15.84 38.45 -4.04
CA GLU B 33 -15.31 39.07 -2.83
C GLU B 33 -15.28 38.10 -1.68
N ASP B 34 -16.29 37.23 -1.56
CA ASP B 34 -16.27 36.21 -0.52
C ASP B 34 -15.04 35.34 -0.65
N VAL B 35 -14.68 35.00 -1.89
CA VAL B 35 -13.48 34.19 -2.12
C VAL B 35 -12.23 34.96 -1.70
N VAL B 36 -12.08 36.19 -2.20
CA VAL B 36 -10.88 36.95 -1.84
C VAL B 36 -10.80 37.16 -0.32
N ALA B 37 -11.94 37.32 0.34
CA ALA B 37 -11.91 37.57 1.78
C ALA B 37 -11.30 36.41 2.56
N LEU B 38 -11.25 35.19 1.98
CA LEU B 38 -10.75 34.01 2.69
C LEU B 38 -9.32 33.65 2.33
N GLN B 39 -8.64 34.45 1.50
CA GLN B 39 -7.35 34.06 0.96
C GLN B 39 -6.17 34.65 1.72
N GLY B 40 -6.41 35.47 2.74
CA GLY B 40 -5.23 36.01 3.40
C GLY B 40 -4.43 36.90 2.47
N SER B 41 -3.12 36.99 2.74
CA SER B 41 -2.23 37.84 1.96
C SER B 41 -1.44 37.10 0.90
N VAL B 42 -1.37 35.77 1.00
CA VAL B 42 -0.52 34.94 0.14
C VAL B 42 -1.34 33.74 -0.26
N VAL B 43 -1.33 33.41 -1.56
CA VAL B 43 -2.00 32.24 -2.07
C VAL B 43 -0.93 31.29 -2.57
N GLU B 44 -0.82 30.13 -1.92
CA GLU B 44 0.09 29.10 -2.39
C GLU B 44 -0.35 28.59 -3.75
N GLU B 45 0.62 28.45 -4.66
CA GLU B 45 0.36 27.77 -5.92
C GLU B 45 0.26 26.27 -5.68
N HIS B 46 -0.68 25.62 -6.38
CA HIS B 46 -0.86 24.17 -6.28
C HIS B 46 -0.66 23.60 -7.68
N THR B 47 0.61 23.45 -8.08
CA THR B 47 0.93 23.15 -9.48
C THR B 47 0.22 21.90 -9.98
N LEU B 48 0.35 20.78 -9.27
CA LEU B 48 -0.20 19.54 -9.80
C LEU B 48 -1.72 19.56 -9.79
N ALA B 49 -2.34 20.20 -8.78
CA ALA B 49 -3.80 20.24 -8.75
C ALA B 49 -4.35 21.03 -9.93
N ARG B 50 -3.68 22.14 -10.27
CA ARG B 50 -4.09 22.95 -11.40
C ARG B 50 -3.86 22.21 -12.72
N ARG B 51 -2.67 21.65 -12.90
CA ARG B 51 -2.39 20.95 -14.15
C ARG B 51 -3.30 19.75 -14.31
N GLY B 52 -3.55 19.00 -13.23
CA GLY B 52 -4.45 17.85 -13.31
C GLY B 52 -5.88 18.24 -13.61
N ALA B 53 -6.40 19.30 -12.98
CA ALA B 53 -7.75 19.73 -13.29
C ALA B 53 -7.86 20.22 -14.73
N GLU B 54 -6.84 20.93 -15.22
CA GLU B 54 -6.88 21.39 -16.62
C GLU B 54 -6.84 20.19 -17.58
N VAL B 55 -5.88 19.28 -17.37
CA VAL B 55 -5.77 18.10 -18.22
C VAL B 55 -7.05 17.27 -18.18
N LEU B 56 -7.64 17.10 -17.00
CA LEU B 56 -8.85 16.29 -16.88
C LEU B 56 -10.01 16.91 -17.65
N TRP B 57 -10.21 18.24 -17.53
CA TRP B 57 -11.27 18.91 -18.27
C TRP B 57 -11.05 18.78 -19.79
N GLU B 58 -9.82 19.04 -20.24
CA GLU B 58 -9.47 18.82 -21.63
C GLU B 58 -9.90 17.43 -22.06
N GLN B 59 -9.41 16.41 -21.36
CA GLN B 59 -9.63 15.04 -21.77
C GLN B 59 -11.11 14.70 -21.81
N LEU B 60 -11.87 15.19 -20.83
CA LEU B 60 -13.30 14.93 -20.80
C LEU B 60 -13.99 15.53 -22.01
N HIS B 61 -13.41 16.56 -22.61
CA HIS B 61 -14.02 17.13 -23.80
C HIS B 61 -13.42 16.66 -25.12
N ASP B 62 -12.22 16.08 -25.11
CA ASP B 62 -11.59 15.65 -26.36
C ASP B 62 -11.78 14.16 -26.63
N LEU B 63 -11.57 13.31 -25.64
CA LEU B 63 -11.64 11.88 -25.85
C LEU B 63 -13.08 11.41 -25.94
N GLU B 64 -13.27 10.17 -26.40
CA GLU B 64 -14.62 9.65 -26.49
C GLU B 64 -15.16 9.38 -25.10
N TRP B 65 -14.26 9.03 -24.17
CA TRP B 65 -14.49 9.10 -22.74
C TRP B 65 -13.16 8.83 -22.05
N VAL B 66 -13.17 9.07 -20.75
CA VAL B 66 -12.04 8.87 -19.86
C VAL B 66 -12.39 7.70 -18.95
N ASN B 67 -11.60 6.63 -18.98
CA ASN B 67 -11.84 5.55 -18.04
C ASN B 67 -10.65 5.38 -17.09
N ALA B 68 -10.92 4.71 -15.97
CA ALA B 68 -9.92 4.60 -14.91
C ALA B 68 -10.18 3.36 -14.06
N LEU B 69 -9.13 2.95 -13.36
CA LEU B 69 -9.15 1.88 -12.37
C LEU B 69 -8.72 2.42 -11.01
N GLY B 70 -9.31 1.88 -9.95
CA GLY B 70 -8.91 2.25 -8.61
C GLY B 70 -7.49 1.87 -8.26
N ALA B 71 -6.69 2.84 -7.82
CA ALA B 71 -5.31 2.63 -7.40
C ALA B 71 -5.17 2.93 -5.91
N LEU B 72 -4.50 2.04 -5.17
CA LEU B 72 -4.28 2.26 -3.74
C LEU B 72 -2.81 2.35 -3.33
N THR B 73 -1.87 2.16 -4.25
CA THR B 73 -0.46 2.43 -4.02
C THR B 73 0.10 3.20 -5.21
N GLY B 74 1.26 3.82 -5.00
CA GLY B 74 1.88 4.59 -6.06
C GLY B 74 2.26 3.77 -7.27
N ASN B 75 2.83 2.57 -7.04
CA ASN B 75 3.22 1.69 -8.14
C ASN B 75 2.01 1.28 -8.98
N MET B 76 0.86 1.05 -8.34
CA MET B 76 -0.34 0.72 -9.09
C MET B 76 -0.67 1.78 -10.13
N ALA B 77 -0.57 3.05 -9.73
CA ALA B 77 -0.88 4.16 -10.62
C ALA B 77 0.17 4.29 -11.71
N VAL B 78 1.43 4.09 -11.35
CA VAL B 78 2.48 4.08 -12.37
C VAL B 78 2.19 3.02 -13.43
N GLN B 79 1.73 1.83 -13.01
CA GLN B 79 1.43 0.77 -13.97
C GLN B 79 0.20 1.09 -14.80
N GLN B 80 -0.84 1.68 -14.18
CA GLN B 80 -2.02 2.09 -14.95
C GLN B 80 -1.64 3.08 -16.05
N VAL B 81 -0.70 3.98 -15.76
CA VAL B 81 -0.32 4.97 -16.75
C VAL B 81 0.58 4.33 -17.83
N ARG B 82 1.53 3.49 -17.41
CA ARG B 82 2.38 2.80 -18.37
C ARG B 82 1.56 1.95 -19.34
N ALA B 83 0.46 1.39 -18.87
CA ALA B 83 -0.41 0.56 -19.71
C ALA B 83 -1.29 1.38 -20.65
N GLY B 84 -1.30 2.71 -20.53
CA GLY B 84 -2.03 3.56 -21.45
C GLY B 84 -3.27 4.28 -20.91
N LEU B 85 -3.55 4.20 -19.62
CA LEU B 85 -4.69 4.94 -19.09
C LEU B 85 -4.33 6.42 -18.94
N LYS B 86 -5.34 7.28 -18.98
CA LYS B 86 -5.16 8.72 -18.94
C LYS B 86 -5.71 9.36 -17.67
N ALA B 87 -6.15 8.56 -16.71
CA ALA B 87 -6.66 9.08 -15.45
C ALA B 87 -6.46 8.03 -14.37
N ILE B 88 -6.43 8.49 -13.13
CA ILE B 88 -6.29 7.59 -11.98
C ILE B 88 -7.51 7.77 -11.09
N TYR B 89 -8.12 6.67 -10.66
CA TYR B 89 -9.23 6.73 -9.70
C TYR B 89 -8.73 6.29 -8.33
N LEU B 90 -9.04 7.09 -7.31
CA LEU B 90 -8.63 6.82 -5.94
C LEU B 90 -9.89 6.48 -5.13
N SER B 91 -10.11 5.18 -4.95
CA SER B 91 -11.23 4.64 -4.19
C SER B 91 -11.06 4.89 -2.69
N GLY B 92 -12.06 5.53 -2.07
CA GLY B 92 -12.06 5.57 -0.61
C GLY B 92 -12.33 4.20 0.00
N TRP B 93 -13.10 3.36 -0.70
CA TRP B 93 -13.29 1.98 -0.27
C TRP B 93 -11.96 1.25 -0.14
N GLN B 94 -11.13 1.36 -1.17
CA GLN B 94 -9.85 0.67 -1.14
C GLN B 94 -8.96 1.21 -0.03
N VAL B 95 -9.04 2.52 0.22
CA VAL B 95 -8.24 3.17 1.24
C VAL B 95 -8.66 2.66 2.61
N ALA B 96 -9.98 2.57 2.84
CA ALA B 96 -10.48 1.95 4.05
C ALA B 96 -9.98 0.52 4.19
N GLY B 97 -9.92 -0.21 3.06
CA GLY B 97 -9.60 -1.62 3.11
C GLY B 97 -8.14 -1.94 3.35
N ASP B 98 -7.22 -1.10 2.85
CA ASP B 98 -5.81 -1.48 2.82
C ASP B 98 -4.85 -0.30 2.69
N ALA B 99 -5.30 0.95 2.86
CA ALA B 99 -4.36 2.06 2.72
C ALA B 99 -4.81 3.35 3.43
N ASN B 100 -5.09 3.29 4.73
CA ASN B 100 -5.47 4.49 5.47
C ASN B 100 -4.62 4.64 6.73
N LEU B 101 -4.67 5.85 7.28
CA LEU B 101 -3.70 6.26 8.29
C LEU B 101 -3.99 5.66 9.67
N SER B 102 -5.12 4.98 9.85
CA SER B 102 -5.36 4.27 11.10
C SER B 102 -4.48 3.04 11.22
N GLY B 103 -4.04 2.49 10.09
CA GLY B 103 -3.38 1.20 10.06
C GLY B 103 -4.32 0.01 10.02
N HIS B 104 -5.65 0.25 10.05
CA HIS B 104 -6.63 -0.82 10.21
C HIS B 104 -7.34 -1.13 8.90
N THR B 105 -7.82 -2.38 8.80
CA THR B 105 -8.69 -2.80 7.72
C THR B 105 -10.13 -2.44 8.10
N TYR B 106 -10.78 -1.63 7.28
CA TYR B 106 -12.11 -1.12 7.56
C TYR B 106 -13.07 -1.41 6.41
N PRO B 107 -14.34 -1.61 6.70
CA PRO B 107 -15.36 -1.57 5.65
C PRO B 107 -15.65 -0.13 5.28
N ASP B 108 -16.54 0.05 4.30
CA ASP B 108 -16.74 1.31 3.60
C ASP B 108 -17.83 2.14 4.29
N GLN B 109 -17.47 2.72 5.45
CA GLN B 109 -18.42 3.50 6.26
C GLN B 109 -17.80 4.78 6.85
N SER B 110 -16.89 5.43 6.14
CA SER B 110 -16.19 6.61 6.65
C SER B 110 -15.60 6.37 8.05
N LEU B 111 -14.84 5.29 8.18
CA LEU B 111 -14.25 4.97 9.48
C LEU B 111 -12.82 5.44 9.64
N TYR B 112 -12.11 5.65 8.55
CA TYR B 112 -10.68 5.94 8.59
C TYR B 112 -10.45 7.42 8.81
N PRO B 113 -9.25 7.83 9.24
CA PRO B 113 -9.01 9.26 9.46
C PRO B 113 -9.17 10.03 8.18
N ALA B 114 -9.80 11.21 8.29
CA ALA B 114 -10.28 11.99 7.15
C ALA B 114 -9.18 12.49 6.22
N ASN B 115 -7.91 12.50 6.64
CA ASN B 115 -6.84 12.95 5.75
C ASN B 115 -6.18 11.79 4.99
N SER B 116 -6.82 10.62 4.97
CA SER B 116 -6.21 9.42 4.39
C SER B 116 -6.11 9.52 2.88
N VAL B 117 -7.23 9.83 2.22
CA VAL B 117 -7.21 9.97 0.77
C VAL B 117 -6.23 11.06 0.33
N PRO B 118 -6.20 12.25 0.95
CA PRO B 118 -5.18 13.23 0.55
C PRO B 118 -3.76 12.68 0.59
N GLN B 119 -3.44 11.88 1.61
CA GLN B 119 -2.12 11.25 1.67
C GLN B 119 -1.88 10.34 0.48
N VAL B 120 -2.91 9.57 0.08
CA VAL B 120 -2.68 8.68 -1.05
C VAL B 120 -2.59 9.47 -2.35
N VAL B 121 -3.32 10.58 -2.47
CA VAL B 121 -3.18 11.44 -3.63
C VAL B 121 -1.75 11.90 -3.77
N ARG B 122 -1.21 12.45 -2.68
CA ARG B 122 0.16 12.92 -2.69
C ARG B 122 1.12 11.78 -3.02
N ARG B 123 0.86 10.59 -2.48
CA ARG B 123 1.70 9.44 -2.79
C ARG B 123 1.65 9.11 -4.28
N ILE B 124 0.46 9.09 -4.87
CA ILE B 124 0.34 8.72 -6.26
C ILE B 124 1.05 9.73 -7.14
N ASN B 125 0.87 11.03 -6.85
CA ASN B 125 1.59 12.04 -7.61
C ASN B 125 3.10 11.88 -7.45
N ASN B 126 3.59 11.60 -6.23
CA ASN B 126 5.02 11.33 -6.04
C ASN B 126 5.49 10.16 -6.90
N ALA B 127 4.67 9.12 -7.01
CA ALA B 127 5.12 7.94 -7.75
C ALA B 127 5.17 8.26 -9.24
N LEU B 128 4.18 8.99 -9.74
CA LEU B 128 4.15 9.40 -11.13
C LEU B 128 5.30 10.36 -11.44
N GLN B 129 5.62 11.25 -10.49
CA GLN B 129 6.72 12.18 -10.68
C GLN B 129 8.04 11.42 -10.80
N ARG B 130 8.20 10.37 -10.01
CA ARG B 130 9.42 9.57 -10.14
C ARG B 130 9.47 8.84 -11.47
N ALA B 131 8.34 8.30 -11.93
CA ALA B 131 8.32 7.65 -13.24
C ALA B 131 8.71 8.64 -14.34
N ASP B 132 8.21 9.88 -14.24
CA ASP B 132 8.51 10.94 -15.19
C ASP B 132 9.98 11.36 -15.15
N GLN B 133 10.56 11.48 -13.95
CA GLN B 133 12.00 11.76 -13.83
C GLN B 133 12.82 10.67 -14.50
N ILE B 134 12.50 9.40 -14.21
CA ILE B 134 13.23 8.29 -14.79
C ILE B 134 13.10 8.32 -16.31
N ALA B 135 11.88 8.54 -16.80
CA ALA B 135 11.66 8.59 -18.23
C ALA B 135 12.53 9.65 -18.88
N LYS B 136 12.57 10.85 -18.29
CA LYS B 136 13.37 11.92 -18.86
C LYS B 136 14.85 11.54 -18.91
N ILE B 137 15.42 11.05 -17.81
CA ILE B 137 16.85 10.76 -17.85
C ILE B 137 17.20 9.59 -18.75
N GLU B 138 16.21 8.80 -19.19
CA GLU B 138 16.46 7.68 -20.07
C GLU B 138 16.00 7.91 -21.50
N GLY B 139 15.52 9.10 -21.83
CA GLY B 139 14.99 9.32 -23.16
C GLY B 139 13.76 8.50 -23.48
N ASP B 140 12.96 8.13 -22.48
CA ASP B 140 11.74 7.37 -22.71
C ASP B 140 10.60 8.34 -23.05
N THR B 141 10.20 8.35 -24.32
CA THR B 141 9.12 9.17 -24.84
C THR B 141 7.82 8.40 -25.02
N SER B 142 7.81 7.12 -24.64
CA SER B 142 6.69 6.24 -24.92
C SER B 142 5.39 6.70 -24.28
N VAL B 143 5.47 7.40 -23.15
CA VAL B 143 4.30 7.92 -22.44
C VAL B 143 4.32 9.43 -22.56
N GLU B 144 3.21 10.01 -23.05
CA GLU B 144 3.20 11.46 -23.25
C GLU B 144 3.06 12.21 -21.94
N ASN B 145 2.13 11.77 -21.08
CA ASN B 145 1.84 12.43 -19.81
C ASN B 145 1.87 11.43 -18.64
N TRP B 146 2.99 11.44 -17.91
CA TRP B 146 3.07 10.64 -16.68
C TRP B 146 2.14 11.17 -15.59
N LEU B 147 1.87 12.47 -15.58
CA LEU B 147 1.08 13.09 -14.51
C LEU B 147 -0.40 13.06 -14.89
N ALA B 148 -0.92 11.85 -14.93
CA ALA B 148 -2.33 11.63 -15.20
C ALA B 148 -3.20 12.27 -14.11
N PRO B 149 -4.31 12.89 -14.46
CA PRO B 149 -5.18 13.49 -13.45
C PRO B 149 -5.74 12.44 -12.48
N ILE B 150 -5.86 12.81 -11.21
CA ILE B 150 -6.38 11.93 -10.17
C ILE B 150 -7.77 12.41 -9.78
N VAL B 151 -8.72 11.47 -9.79
CA VAL B 151 -10.07 11.68 -9.30
C VAL B 151 -10.22 10.92 -7.98
N ALA B 152 -10.49 11.64 -6.90
CA ALA B 152 -10.44 11.08 -5.57
C ALA B 152 -11.82 10.99 -4.94
N ASP B 153 -11.99 9.95 -4.14
CA ASP B 153 -13.22 9.73 -3.40
C ASP B 153 -13.24 10.65 -2.18
N GLY B 154 -14.20 11.57 -2.13
CA GLY B 154 -14.39 12.43 -0.98
C GLY B 154 -15.45 11.96 0.01
N GLU B 155 -16.06 10.79 -0.22
CA GLU B 155 -17.10 10.23 0.68
C GLU B 155 -18.19 11.29 0.80
N ALA B 156 -18.70 11.57 1.99
CA ALA B 156 -19.54 12.73 2.23
C ALA B 156 -18.85 13.77 3.11
N GLY B 157 -17.51 13.74 3.16
CA GLY B 157 -16.77 14.83 3.79
C GLY B 157 -16.41 14.64 5.24
N PHE B 158 -16.78 13.52 5.86
CA PHE B 158 -16.48 13.25 7.28
C PHE B 158 -17.06 14.32 8.21
N GLY B 159 -18.32 14.71 7.99
CA GLY B 159 -18.97 15.65 8.87
C GLY B 159 -19.79 16.70 8.14
N GLY B 160 -19.68 17.97 8.54
CA GLY B 160 -20.48 19.03 7.97
C GLY B 160 -19.73 19.81 6.89
N ALA B 161 -20.22 21.01 6.61
CA ALA B 161 -19.65 21.84 5.55
C ALA B 161 -18.18 22.12 5.76
N LEU B 162 -17.77 22.37 7.01
CA LEU B 162 -16.36 22.67 7.24
C LEU B 162 -15.48 21.45 7.03
N ASN B 163 -15.98 20.26 7.39
CA ASN B 163 -15.23 19.04 7.11
C ASN B 163 -15.06 18.84 5.62
N VAL B 164 -16.13 19.08 4.86
CA VAL B 164 -16.06 19.05 3.39
C VAL B 164 -15.01 20.01 2.88
N TYR B 165 -15.07 21.26 3.34
CA TYR B 165 -14.13 22.29 2.90
C TYR B 165 -12.70 21.85 3.15
N GLU B 166 -12.42 21.38 4.37
CA GLU B 166 -11.05 21.02 4.74
C GLU B 166 -10.56 19.81 3.94
N LEU B 167 -11.44 18.84 3.71
CA LEU B 167 -11.03 17.69 2.89
C LEU B 167 -10.71 18.12 1.47
N GLN B 168 -11.54 18.99 0.87
CA GLN B 168 -11.25 19.43 -0.50
C GLN B 168 -9.94 20.21 -0.55
N LYS B 169 -9.72 21.10 0.41
CA LYS B 169 -8.45 21.82 0.50
C LYS B 169 -7.27 20.85 0.64
N ALA B 170 -7.43 19.79 1.43
CA ALA B 170 -6.33 18.84 1.61
C ALA B 170 -6.08 18.04 0.34
N LEU B 171 -7.14 17.64 -0.36
CA LEU B 171 -6.99 16.96 -1.64
C LEU B 171 -6.30 17.87 -2.66
N ILE B 172 -6.67 19.16 -2.68
CA ILE B 172 -6.06 20.07 -3.64
C ILE B 172 -4.57 20.23 -3.35
N ALA B 173 -4.23 20.42 -2.07
CA ALA B 173 -2.83 20.55 -1.68
C ALA B 173 -1.99 19.36 -2.10
N ALA B 174 -2.57 18.15 -2.10
CA ALA B 174 -1.87 16.94 -2.52
C ALA B 174 -1.78 16.77 -4.04
N GLY B 175 -2.48 17.61 -4.81
CA GLY B 175 -2.45 17.54 -6.24
C GLY B 175 -3.61 16.80 -6.88
N VAL B 176 -4.79 16.77 -6.27
CA VAL B 176 -5.93 16.09 -6.88
C VAL B 176 -6.44 16.90 -8.07
N ALA B 177 -6.95 16.19 -9.07
CA ALA B 177 -7.56 16.81 -10.24
C ALA B 177 -9.07 16.92 -10.14
N GLY B 178 -9.73 15.96 -9.50
CA GLY B 178 -11.16 16.04 -9.27
C GLY B 178 -11.54 15.27 -8.04
N SER B 179 -12.73 15.54 -7.53
CA SER B 179 -13.17 14.87 -6.31
C SER B 179 -14.67 14.65 -6.36
N HIS B 180 -15.13 13.51 -5.84
CA HIS B 180 -16.55 13.24 -5.86
C HIS B 180 -17.13 13.20 -4.45
N TRP B 181 -18.43 13.54 -4.36
CA TRP B 181 -19.09 13.84 -3.09
C TRP B 181 -20.50 13.28 -3.13
N GLU B 182 -20.87 12.45 -2.13
CA GLU B 182 -22.14 11.75 -2.16
C GLU B 182 -23.08 12.24 -1.07
N ASP B 183 -24.38 11.97 -1.25
CA ASP B 183 -25.43 12.56 -0.43
C ASP B 183 -25.98 11.59 0.61
N GLN B 184 -25.11 10.80 1.23
CA GLN B 184 -25.52 9.88 2.29
C GLN B 184 -24.73 10.13 3.57
N LEU B 185 -25.24 9.55 4.65
CA LEU B 185 -24.56 9.55 5.94
C LEU B 185 -24.13 8.11 6.21
N ALA B 186 -22.95 7.74 5.71
CA ALA B 186 -22.48 6.36 5.83
C ALA B 186 -22.36 5.92 7.28
N SER B 187 -22.02 6.82 8.19
CA SER B 187 -21.83 6.47 9.60
C SER B 187 -23.12 6.09 10.31
N GLU B 188 -24.28 6.22 9.67
CA GLU B 188 -25.54 5.82 10.28
C GLU B 188 -26.26 4.78 9.43
N LYS B 189 -25.56 4.18 8.48
CA LYS B 189 -26.09 3.07 7.69
C LYS B 189 -26.73 2.05 8.62
N LYS B 190 -28.03 1.82 8.49
CA LYS B 190 -28.76 0.86 9.36
C LYS B 190 -28.62 -0.54 8.78
N CYS B 191 -28.05 -1.46 9.52
CA CYS B 191 -27.76 -2.78 8.93
C CYS B 191 -28.78 -3.86 9.29
N GLY B 192 -29.93 -3.49 9.82
CA GLY B 192 -30.96 -4.50 10.12
C GLY B 192 -31.79 -4.93 8.92
N HIS B 193 -32.96 -5.51 9.18
CA HIS B 193 -33.71 -5.97 8.02
C HIS B 193 -34.51 -4.85 7.36
N LEU B 194 -34.97 -3.86 8.11
CA LEU B 194 -35.58 -2.69 7.50
C LEU B 194 -34.59 -1.52 7.39
N GLY B 195 -33.29 -1.81 7.45
CA GLY B 195 -32.24 -0.80 7.45
C GLY B 195 -31.95 -0.28 6.06
N GLY B 196 -30.68 0.05 5.82
CA GLY B 196 -30.23 0.59 4.56
C GLY B 196 -29.45 1.89 4.71
N LYS B 197 -29.03 2.42 3.56
CA LYS B 197 -28.35 3.70 3.50
C LYS B 197 -29.30 4.85 3.87
N VAL B 198 -28.72 5.92 4.41
CA VAL B 198 -29.48 7.07 4.87
C VAL B 198 -29.09 8.26 4.02
N LEU B 199 -30.06 8.83 3.31
CA LEU B 199 -29.78 10.03 2.57
C LEU B 199 -29.79 11.22 3.50
N ILE B 200 -29.18 12.31 3.04
CA ILE B 200 -29.31 13.62 3.69
C ILE B 200 -30.19 14.48 2.78
N PRO B 201 -30.78 15.57 3.26
CA PRO B 201 -31.65 16.37 2.39
C PRO B 201 -30.92 16.96 1.19
N THR B 202 -31.68 17.19 0.12
CA THR B 202 -31.10 17.73 -1.10
C THR B 202 -30.33 19.02 -0.81
N GLN B 203 -30.93 19.94 -0.05
CA GLN B 203 -30.27 21.22 0.23
C GLN B 203 -28.92 21.01 0.92
N GLN B 204 -28.81 20.00 1.77
CA GLN B 204 -27.56 19.75 2.45
C GLN B 204 -26.48 19.28 1.47
N HIS B 205 -26.86 18.49 0.46
CA HIS B 205 -25.81 18.12 -0.46
C HIS B 205 -25.44 19.27 -1.36
N ILE B 206 -26.40 20.13 -1.71
CA ILE B 206 -26.01 21.36 -2.39
C ILE B 206 -25.04 22.16 -1.52
N ARG B 207 -25.26 22.17 -0.21
CA ARG B 207 -24.29 22.80 0.70
C ARG B 207 -22.91 22.17 0.57
N THR B 208 -22.86 20.85 0.51
CA THR B 208 -21.60 20.14 0.36
C THR B 208 -20.89 20.52 -0.94
N LEU B 209 -21.63 20.50 -2.04
CA LEU B 209 -21.03 20.81 -3.35
C LEU B 209 -20.59 22.27 -3.42
N THR B 210 -21.34 23.16 -2.78
CA THR B 210 -20.96 24.55 -2.72
C THR B 210 -19.68 24.72 -1.92
N SER B 211 -19.60 24.05 -0.77
CA SER B 211 -18.40 24.05 0.04
C SER B 211 -17.20 23.55 -0.76
N ALA B 212 -17.37 22.46 -1.48
CA ALA B 212 -16.23 21.92 -2.23
C ALA B 212 -15.78 22.91 -3.30
N ARG B 213 -16.75 23.54 -4.00
CA ARG B 213 -16.37 24.52 -5.00
C ARG B 213 -15.66 25.71 -4.37
N LEU B 214 -16.14 26.16 -3.21
CA LEU B 214 -15.52 27.30 -2.55
C LEU B 214 -14.09 26.98 -2.13
N ALA B 215 -13.84 25.77 -1.64
CA ALA B 215 -12.48 25.44 -1.28
C ALA B 215 -11.58 25.45 -2.53
N ALA B 216 -12.12 24.98 -3.66
CA ALA B 216 -11.33 25.06 -4.89
C ALA B 216 -11.06 26.51 -5.28
N ASP B 217 -12.09 27.36 -5.20
CA ASP B 217 -11.94 28.77 -5.58
C ASP B 217 -10.92 29.46 -4.69
N VAL B 218 -11.04 29.28 -3.37
CA VAL B 218 -10.09 29.89 -2.45
C VAL B 218 -8.68 29.37 -2.71
N ALA B 219 -8.54 28.10 -3.09
CA ALA B 219 -7.23 27.57 -3.44
C ALA B 219 -6.80 27.97 -4.86
N ASP B 220 -7.69 28.61 -5.63
CA ASP B 220 -7.40 29.15 -6.96
C ASP B 220 -7.06 28.05 -7.97
N VAL B 221 -7.76 26.90 -7.91
CA VAL B 221 -7.56 25.88 -8.94
C VAL B 221 -8.93 25.45 -9.45
N PRO B 222 -9.06 25.10 -10.74
CA PRO B 222 -10.36 24.74 -11.32
C PRO B 222 -10.72 23.27 -11.15
N THR B 223 -10.66 22.79 -9.90
CA THR B 223 -10.89 21.38 -9.59
C THR B 223 -12.23 20.90 -10.14
N VAL B 224 -12.24 19.66 -10.62
CA VAL B 224 -13.44 19.05 -11.18
C VAL B 224 -14.27 18.47 -10.03
N VAL B 225 -15.57 18.80 -10.01
CA VAL B 225 -16.46 18.50 -8.88
C VAL B 225 -17.55 17.54 -9.35
N ILE B 226 -17.65 16.40 -8.69
CA ILE B 226 -18.58 15.35 -9.08
C ILE B 226 -19.57 15.15 -7.95
N ALA B 227 -20.85 15.18 -8.29
CA ALA B 227 -21.91 14.90 -7.33
C ALA B 227 -22.37 13.46 -7.55
N ARG B 228 -22.44 12.69 -6.46
CA ARG B 228 -22.96 11.33 -6.48
C ARG B 228 -24.24 11.29 -5.67
N THR B 229 -25.25 10.60 -6.19
CA THR B 229 -26.45 10.36 -5.41
C THR B 229 -26.61 8.88 -5.13
N ASP B 230 -26.99 8.57 -3.89
CA ASP B 230 -27.20 7.22 -3.42
C ASP B 230 -28.68 6.87 -3.30
N ALA B 231 -29.54 7.59 -4.01
CA ALA B 231 -30.98 7.46 -3.85
C ALA B 231 -31.55 6.25 -4.57
N GLU B 232 -30.79 5.57 -5.44
CA GLU B 232 -31.30 4.35 -6.05
C GLU B 232 -31.68 3.33 -4.98
N ALA B 233 -30.78 3.06 -4.04
CA ALA B 233 -31.01 2.02 -3.05
C ALA B 233 -31.41 2.55 -1.68
N ALA B 234 -31.04 3.79 -1.34
CA ALA B 234 -31.26 4.27 0.02
C ALA B 234 -32.75 4.23 0.39
N THR B 235 -33.03 3.73 1.59
CA THR B 235 -34.38 3.59 2.12
C THR B 235 -34.73 4.63 3.17
N LEU B 236 -33.74 5.33 3.70
CA LEU B 236 -33.92 6.28 4.77
C LEU B 236 -33.33 7.63 4.35
N ILE B 237 -33.78 8.67 5.04
CA ILE B 237 -33.27 10.03 4.88
C ILE B 237 -33.37 10.69 6.24
N THR B 238 -32.41 11.56 6.55
CA THR B 238 -32.30 12.11 7.90
C THR B 238 -33.49 12.99 8.24
N SER B 239 -34.01 13.72 7.27
CA SER B 239 -35.06 14.69 7.54
C SER B 239 -35.88 14.90 6.29
N ASP B 240 -37.13 15.31 6.48
CA ASP B 240 -38.03 15.64 5.39
C ASP B 240 -38.15 17.15 5.18
N VAL B 241 -37.20 17.93 5.71
CA VAL B 241 -37.35 19.38 5.72
C VAL B 241 -37.27 19.98 4.33
N ASP B 242 -36.61 19.32 3.38
CA ASP B 242 -36.46 19.87 2.04
C ASP B 242 -37.64 19.39 1.18
N GLU B 243 -38.38 20.34 0.61
CA GLU B 243 -39.60 19.97 -0.10
C GLU B 243 -39.32 19.21 -1.40
N ARG B 244 -38.12 19.33 -1.96
CA ARG B 244 -37.80 18.49 -3.11
C ARG B 244 -37.75 17.01 -2.71
N ASP B 245 -37.44 16.72 -1.45
CA ASP B 245 -37.42 15.34 -0.99
C ASP B 245 -38.80 14.84 -0.61
N GLN B 246 -39.72 15.74 -0.32
CA GLN B 246 -41.02 15.33 0.20
C GLN B 246 -41.80 14.41 -0.72
N PRO B 247 -41.75 14.52 -2.06
CA PRO B 247 -42.51 13.57 -2.90
C PRO B 247 -42.22 12.12 -2.59
N PHE B 248 -41.05 11.80 -2.06
CA PHE B 248 -40.67 10.42 -1.81
C PHE B 248 -40.82 10.00 -0.36
N ILE B 249 -41.11 10.94 0.53
CA ILE B 249 -41.31 10.64 1.94
C ILE B 249 -42.55 9.80 2.11
N THR B 250 -42.43 8.65 2.79
CA THR B 250 -43.58 7.77 2.98
C THR B 250 -44.47 8.17 4.15
N GLY B 251 -43.96 8.94 5.12
CA GLY B 251 -44.69 9.28 6.31
C GLY B 251 -44.29 8.50 7.54
N GLU B 252 -43.56 7.40 7.39
CA GLU B 252 -43.04 6.66 8.54
C GLU B 252 -41.69 7.21 8.99
N ARG B 253 -41.48 7.26 10.31
CA ARG B 253 -40.18 7.57 10.89
C ARG B 253 -39.78 6.44 11.81
N THR B 254 -38.52 6.02 11.72
CA THR B 254 -38.04 4.88 12.50
C THR B 254 -37.74 5.28 13.95
N ARG B 255 -37.44 4.29 14.75
CA ARG B 255 -37.12 4.47 16.18
C ARG B 255 -35.89 5.36 16.37
N GLU B 256 -35.04 5.44 15.36
CA GLU B 256 -33.84 6.28 15.42
C GLU B 256 -34.09 7.68 14.90
N GLY B 257 -35.27 7.94 14.34
CA GLY B 257 -35.62 9.24 13.84
C GLY B 257 -35.43 9.43 12.35
N PHE B 258 -35.05 8.39 11.62
CA PHE B 258 -34.88 8.51 10.18
C PHE B 258 -36.22 8.35 9.48
N TYR B 259 -36.35 9.04 8.35
CA TYR B 259 -37.58 9.03 7.58
C TYR B 259 -37.46 8.00 6.48
N ARG B 260 -38.46 7.12 6.38
CA ARG B 260 -38.49 6.15 5.28
C ARG B 260 -38.84 6.87 4.00
N THR B 261 -38.11 6.54 2.94
CA THR B 261 -38.26 7.25 1.68
C THR B 261 -38.26 6.23 0.54
N LYS B 262 -39.09 6.49 -0.46
CA LYS B 262 -39.18 5.65 -1.65
C LYS B 262 -37.95 5.83 -2.53
N ASN B 263 -37.25 4.74 -2.83
CA ASN B 263 -35.99 4.79 -3.58
C ASN B 263 -36.20 4.45 -5.05
N GLY B 264 -35.11 4.49 -5.80
CA GLY B 264 -35.12 4.10 -7.20
C GLY B 264 -34.64 5.20 -8.12
N ILE B 265 -34.93 5.04 -9.41
CA ILE B 265 -34.39 5.96 -10.39
C ILE B 265 -35.11 7.33 -10.36
N GLU B 266 -36.39 7.40 -9.97
CA GLU B 266 -36.99 8.73 -9.88
C GLU B 266 -36.28 9.68 -8.95
N PRO B 267 -36.06 9.36 -7.67
CA PRO B 267 -35.35 10.31 -6.82
C PRO B 267 -33.93 10.53 -7.30
N CYS B 268 -33.36 9.60 -8.06
CA CYS B 268 -32.02 9.84 -8.58
C CYS B 268 -32.06 10.87 -9.68
N ILE B 269 -33.11 10.85 -10.50
CA ILE B 269 -33.25 11.87 -11.53
C ILE B 269 -33.49 13.24 -10.91
N ALA B 270 -34.38 13.28 -9.92
CA ALA B 270 -34.70 14.55 -9.26
C ALA B 270 -33.47 15.16 -8.61
N ARG B 271 -32.71 14.34 -7.87
CA ARG B 271 -31.50 14.84 -7.19
C ARG B 271 -30.43 15.26 -8.19
N ALA B 272 -30.25 14.48 -9.27
CA ALA B 272 -29.29 14.88 -10.29
C ALA B 272 -29.65 16.24 -10.87
N LYS B 273 -30.93 16.46 -11.16
CA LYS B 273 -31.32 17.76 -11.68
C LYS B 273 -31.04 18.86 -10.67
N ALA B 274 -31.33 18.61 -9.39
CA ALA B 274 -31.06 19.63 -8.38
C ALA B 274 -29.56 19.91 -8.24
N TYR B 275 -28.72 18.89 -8.44
CA TYR B 275 -27.27 19.03 -8.25
C TYR B 275 -26.59 19.62 -9.47
N ALA B 276 -27.15 19.41 -10.66
CA ALA B 276 -26.47 19.78 -11.89
C ALA B 276 -25.86 21.18 -11.90
N PRO B 277 -26.51 22.25 -11.41
CA PRO B 277 -25.87 23.58 -11.41
C PRO B 277 -24.60 23.66 -10.58
N PHE B 278 -24.37 22.71 -9.66
CA PHE B 278 -23.27 22.78 -8.72
C PHE B 278 -22.24 21.69 -8.96
N ALA B 279 -22.33 20.96 -10.07
CA ALA B 279 -21.50 19.78 -10.26
C ALA B 279 -20.99 19.75 -11.69
N ASP B 280 -19.69 19.53 -11.83
CA ASP B 280 -19.10 19.32 -13.16
C ASP B 280 -19.52 17.96 -13.73
N LEU B 281 -19.71 16.94 -12.89
CA LEU B 281 -20.25 15.67 -13.41
C LEU B 281 -21.24 15.09 -12.41
N ILE B 282 -22.20 14.32 -12.91
CA ILE B 282 -23.19 13.69 -12.04
C ILE B 282 -23.11 12.17 -12.15
N TRP B 283 -23.24 11.50 -11.00
CA TRP B 283 -23.02 10.06 -10.88
C TRP B 283 -24.14 9.45 -10.05
N MET B 284 -24.92 8.56 -10.67
CA MET B 284 -25.95 7.79 -9.96
C MET B 284 -25.33 6.45 -9.56
N GLU B 285 -25.05 6.28 -8.27
CA GLU B 285 -24.54 5.00 -7.83
C GLU B 285 -25.57 3.91 -8.11
N THR B 286 -25.13 2.83 -8.75
CA THR B 286 -26.06 1.78 -9.13
C THR B 286 -25.48 0.42 -8.83
N GLY B 287 -26.37 -0.49 -8.44
CA GLY B 287 -25.97 -1.84 -8.05
C GLY B 287 -25.79 -2.77 -9.24
N THR B 288 -26.71 -2.65 -10.20
CA THR B 288 -26.66 -3.48 -11.37
C THR B 288 -26.23 -2.67 -12.59
N PRO B 289 -25.15 -3.06 -13.26
CA PRO B 289 -24.87 -2.51 -14.59
C PRO B 289 -26.03 -2.83 -15.54
N ASP B 290 -26.58 -1.80 -16.15
CA ASP B 290 -27.81 -1.93 -16.93
C ASP B 290 -27.81 -0.80 -17.95
N LEU B 291 -27.52 -1.11 -19.21
CA LEU B 291 -27.48 -0.06 -20.23
C LEU B 291 -28.81 0.69 -20.36
N GLU B 292 -29.94 0.00 -20.15
CA GLU B 292 -31.24 0.67 -20.29
C GLU B 292 -31.48 1.68 -19.17
N ALA B 293 -31.22 1.28 -17.93
CA ALA B 293 -31.36 2.20 -16.81
C ALA B 293 -30.40 3.38 -16.96
N ALA B 294 -29.18 3.09 -17.41
CA ALA B 294 -28.23 4.15 -17.69
C ALA B 294 -28.78 5.13 -18.73
N ARG B 295 -29.41 4.60 -19.79
CA ARG B 295 -29.97 5.47 -20.82
C ARG B 295 -31.12 6.31 -20.25
N GLN B 296 -31.97 5.69 -19.43
CA GLN B 296 -33.11 6.40 -18.87
C GLN B 296 -32.66 7.54 -17.97
N PHE B 297 -31.68 7.29 -17.10
CA PHE B 297 -31.16 8.34 -16.23
C PHE B 297 -30.49 9.42 -17.07
N SER B 298 -29.57 9.01 -17.96
CA SER B 298 -28.97 9.87 -18.96
C SER B 298 -29.96 10.86 -19.57
N GLU B 299 -31.03 10.32 -20.15
CA GLU B 299 -31.95 11.14 -20.93
C GLU B 299 -32.79 12.03 -20.05
N ALA B 300 -33.25 11.53 -18.90
CA ALA B 300 -33.99 12.37 -17.97
C ALA B 300 -33.16 13.57 -17.55
N VAL B 301 -31.87 13.37 -17.28
CA VAL B 301 -31.05 14.48 -16.84
C VAL B 301 -30.81 15.44 -18.00
N LYS B 302 -30.48 14.91 -19.17
CA LYS B 302 -30.14 15.78 -20.29
C LYS B 302 -31.35 16.51 -20.86
N ALA B 303 -32.56 16.03 -20.57
CA ALA B 303 -33.74 16.76 -20.99
C ALA B 303 -33.77 18.17 -20.41
N GLU B 304 -33.25 18.37 -19.19
CA GLU B 304 -33.10 19.71 -18.62
C GLU B 304 -31.72 20.29 -18.81
N TYR B 305 -30.68 19.46 -18.82
CA TYR B 305 -29.29 19.92 -18.94
C TYR B 305 -28.63 19.09 -20.04
N PRO B 306 -28.86 19.46 -21.29
CA PRO B 306 -28.34 18.63 -22.40
C PRO B 306 -26.83 18.54 -22.42
N ASP B 307 -26.11 19.48 -21.82
CA ASP B 307 -24.66 19.45 -21.83
C ASP B 307 -24.06 18.82 -20.58
N GLN B 308 -24.90 18.40 -19.64
CA GLN B 308 -24.41 17.87 -18.37
C GLN B 308 -23.66 16.56 -18.60
N MET B 309 -22.40 16.53 -18.17
CA MET B 309 -21.63 15.29 -18.23
C MET B 309 -21.94 14.37 -17.04
N LEU B 310 -21.86 13.08 -17.32
CA LEU B 310 -22.19 12.07 -16.34
C LEU B 310 -20.96 11.22 -16.07
N ALA B 311 -20.99 10.54 -14.91
CA ALA B 311 -19.95 9.63 -14.49
C ALA B 311 -20.59 8.30 -14.12
N TYR B 312 -19.82 7.21 -14.28
CA TYR B 312 -20.37 5.87 -14.13
C TYR B 312 -19.33 4.96 -13.48
N ASN B 313 -19.69 4.35 -12.37
CA ASN B 313 -18.89 3.28 -11.79
C ASN B 313 -19.39 1.95 -12.34
N CYS B 314 -18.47 1.14 -12.87
CA CYS B 314 -18.85 -0.19 -13.33
C CYS B 314 -18.61 -1.16 -12.17
N SER B 315 -19.68 -1.79 -11.71
CA SER B 315 -19.70 -2.50 -10.44
C SER B 315 -18.67 -3.61 -10.41
N PRO B 316 -17.74 -3.61 -9.45
CA PRO B 316 -16.79 -4.73 -9.37
C PRO B 316 -17.38 -5.98 -8.73
N SER B 317 -18.49 -5.88 -8.02
CA SER B 317 -19.06 -7.07 -7.39
C SER B 317 -20.13 -7.75 -8.24
N PHE B 318 -20.75 -7.01 -9.16
CA PHE B 318 -21.70 -7.61 -10.08
C PHE B 318 -21.05 -8.80 -10.77
N ASN B 319 -21.79 -9.91 -10.83
CA ASN B 319 -21.34 -11.10 -11.54
C ASN B 319 -21.58 -10.83 -13.02
N TRP B 320 -20.58 -10.23 -13.67
CA TRP B 320 -20.77 -9.76 -15.04
C TRP B 320 -21.13 -10.91 -15.98
N LYS B 321 -20.48 -12.06 -15.85
CA LYS B 321 -20.60 -13.08 -16.89
C LYS B 321 -21.74 -14.03 -16.62
N LYS B 322 -22.32 -13.98 -15.43
CA LYS B 322 -23.57 -14.68 -15.16
C LYS B 322 -24.75 -13.97 -15.79
N HIS B 323 -24.66 -12.64 -15.96
CA HIS B 323 -25.81 -11.83 -16.31
C HIS B 323 -25.73 -11.17 -17.67
N LEU B 324 -24.54 -11.03 -18.25
CA LEU B 324 -24.39 -10.38 -19.55
C LEU B 324 -23.56 -11.25 -20.48
N ASP B 325 -23.89 -11.24 -21.76
CA ASP B 325 -23.08 -11.97 -22.71
C ASP B 325 -21.79 -11.21 -23.03
N ASP B 326 -20.87 -11.89 -23.70
CA ASP B 326 -19.55 -11.32 -23.93
C ASP B 326 -19.62 -10.05 -24.76
N ALA B 327 -20.59 -9.95 -25.67
CA ALA B 327 -20.66 -8.79 -26.55
C ALA B 327 -21.15 -7.55 -25.81
N THR B 328 -22.13 -7.73 -24.91
CA THR B 328 -22.60 -6.62 -24.08
C THR B 328 -21.49 -6.13 -23.16
N ILE B 329 -20.78 -7.05 -22.52
CA ILE B 329 -19.63 -6.72 -21.70
C ILE B 329 -18.61 -5.95 -22.52
N ALA B 330 -18.39 -6.40 -23.77
CA ALA B 330 -17.35 -5.81 -24.59
C ALA B 330 -17.70 -4.40 -25.04
N LYS B 331 -18.97 -4.10 -25.24
CA LYS B 331 -19.37 -2.78 -25.73
C LYS B 331 -19.83 -1.83 -24.63
N PHE B 332 -19.91 -2.30 -23.37
CA PHE B 332 -20.54 -1.56 -22.28
C PHE B 332 -20.09 -0.12 -22.18
N GLN B 333 -18.76 0.11 -22.06
CA GLN B 333 -18.28 1.47 -21.84
C GLN B 333 -18.52 2.34 -23.08
N LYS B 334 -18.41 1.77 -24.28
CA LYS B 334 -18.64 2.56 -25.50
C LYS B 334 -20.09 3.04 -25.56
N GLU B 335 -21.02 2.16 -25.23
CA GLU B 335 -22.43 2.56 -25.19
C GLU B 335 -22.63 3.65 -24.15
N LEU B 336 -22.13 3.43 -22.93
CA LEU B 336 -22.29 4.44 -21.89
C LEU B 336 -21.73 5.78 -22.34
N ALA B 337 -20.58 5.76 -23.01
CA ALA B 337 -19.96 7.02 -23.45
C ALA B 337 -20.87 7.71 -24.45
N ALA B 338 -21.46 6.94 -25.36
CA ALA B 338 -22.44 7.52 -26.28
C ALA B 338 -23.60 8.18 -25.55
N MET B 339 -23.96 7.68 -24.36
CA MET B 339 -25.06 8.33 -23.63
C MET B 339 -24.64 9.53 -22.78
N GLY B 340 -23.36 9.90 -22.74
CA GLY B 340 -22.91 11.03 -21.95
C GLY B 340 -22.10 10.69 -20.71
N PHE B 341 -21.81 9.42 -20.48
CA PHE B 341 -20.96 9.03 -19.36
C PHE B 341 -19.51 9.18 -19.80
N LYS B 342 -18.94 10.36 -19.53
CA LYS B 342 -17.61 10.68 -20.02
C LYS B 342 -16.50 10.29 -19.05
N PHE B 343 -16.83 9.97 -17.80
CA PHE B 343 -15.85 9.44 -16.86
C PHE B 343 -16.37 8.12 -16.32
N GLN B 344 -15.62 7.06 -16.55
CA GLN B 344 -16.05 5.72 -16.14
C GLN B 344 -14.91 5.02 -15.43
N PHE B 345 -15.23 4.21 -14.43
CA PHE B 345 -14.18 3.68 -13.60
C PHE B 345 -14.64 2.40 -12.92
N ILE B 346 -13.68 1.59 -12.51
CA ILE B 346 -13.94 0.42 -11.66
C ILE B 346 -13.35 0.72 -10.27
N THR B 347 -14.22 0.91 -9.27
CA THR B 347 -13.76 1.36 -7.96
C THR B 347 -12.71 0.42 -7.35
N LEU B 348 -12.91 -0.90 -7.44
CA LEU B 348 -12.11 -1.82 -6.64
C LEU B 348 -11.08 -2.60 -7.46
N ALA B 349 -10.66 -2.06 -8.61
CA ALA B 349 -9.73 -2.79 -9.46
C ALA B 349 -8.45 -3.18 -8.71
N GLY B 350 -7.87 -2.22 -7.96
CA GLY B 350 -6.61 -2.50 -7.28
C GLY B 350 -6.75 -3.50 -6.17
N PHE B 351 -7.82 -3.40 -5.38
CA PHE B 351 -8.08 -4.40 -4.35
C PHE B 351 -8.10 -5.81 -4.93
N HIS B 352 -8.86 -6.02 -6.00
CA HIS B 352 -8.97 -7.35 -6.58
C HIS B 352 -7.67 -7.83 -7.22
N ALA B 353 -7.00 -6.96 -7.97
CA ALA B 353 -5.73 -7.37 -8.56
C ALA B 353 -4.72 -7.77 -7.48
N LEU B 354 -4.60 -6.96 -6.42
CA LEU B 354 -3.62 -7.22 -5.38
C LEU B 354 -3.94 -8.49 -4.61
N ASN B 355 -5.18 -8.60 -4.11
CA ASN B 355 -5.56 -9.77 -3.34
C ASN B 355 -5.45 -11.04 -4.17
N TYR B 356 -5.92 -11.00 -5.43
CA TYR B 356 -5.90 -12.21 -6.23
C TYR B 356 -4.47 -12.61 -6.59
N SER B 357 -3.66 -11.67 -7.08
CA SER B 357 -2.33 -12.04 -7.50
C SER B 357 -1.53 -12.58 -6.33
N MET B 358 -1.68 -11.99 -5.13
CA MET B 358 -0.91 -12.52 -4.01
C MET B 358 -1.47 -13.86 -3.54
N PHE B 359 -2.79 -14.05 -3.55
CA PHE B 359 -3.30 -15.37 -3.16
C PHE B 359 -2.80 -16.45 -4.12
N ASP B 360 -2.86 -16.17 -5.43
CA ASP B 360 -2.46 -17.17 -6.41
C ASP B 360 -0.97 -17.49 -6.25
N LEU B 361 -0.13 -16.46 -6.17
CA LEU B 361 1.29 -16.69 -5.99
C LEU B 361 1.56 -17.45 -4.71
N ALA B 362 0.93 -17.04 -3.60
CA ALA B 362 1.24 -17.63 -2.30
C ALA B 362 0.75 -19.06 -2.22
N TYR B 363 -0.39 -19.37 -2.84
CA TYR B 363 -0.87 -20.74 -2.84
C TYR B 363 0.09 -21.64 -3.60
N GLY B 364 0.47 -21.21 -4.80
CA GLY B 364 1.50 -21.92 -5.53
C GLY B 364 2.76 -22.10 -4.71
N TYR B 365 3.19 -21.03 -4.04
CA TYR B 365 4.42 -21.04 -3.27
C TYR B 365 4.34 -22.02 -2.11
N ALA B 366 3.22 -21.99 -1.37
CA ALA B 366 3.06 -22.93 -0.27
C ALA B 366 3.17 -24.37 -0.74
N GLN B 367 2.74 -24.65 -1.97
CA GLN B 367 2.83 -26.05 -2.36
C GLN B 367 4.10 -26.41 -3.12
N ASN B 368 4.71 -25.48 -3.87
CA ASN B 368 5.81 -25.84 -4.76
C ASN B 368 7.01 -24.89 -4.71
N GLN B 369 7.07 -23.98 -3.74
CA GLN B 369 8.15 -23.01 -3.58
C GLN B 369 8.44 -22.29 -4.89
N MET B 370 9.70 -22.35 -5.37
CA MET B 370 10.12 -21.45 -6.45
C MET B 370 9.36 -21.62 -7.76
N SER B 371 8.71 -22.78 -7.99
CA SER B 371 8.03 -22.99 -9.27
C SER B 371 6.92 -21.97 -9.46
N ALA B 372 6.24 -21.60 -8.36
CA ALA B 372 5.17 -20.60 -8.48
C ALA B 372 5.74 -19.25 -8.86
N TYR B 373 6.85 -18.88 -8.22
CA TYR B 373 7.45 -17.60 -8.54
C TYR B 373 7.89 -17.53 -10.00
N VAL B 374 8.45 -18.64 -10.52
CA VAL B 374 8.89 -18.58 -11.91
C VAL B 374 7.69 -18.47 -12.87
N GLU B 375 6.53 -19.02 -12.51
CA GLU B 375 5.37 -18.74 -13.36
C GLU B 375 5.07 -17.24 -13.42
N LEU B 376 5.08 -16.57 -12.24
CA LEU B 376 4.84 -15.12 -12.26
C LEU B 376 5.93 -14.38 -13.04
N GLN B 377 7.19 -14.77 -12.83
CA GLN B 377 8.31 -14.10 -13.48
C GLN B 377 8.20 -14.23 -15.00
N GLU B 378 7.80 -15.42 -15.48
CA GLU B 378 7.63 -15.64 -16.92
C GLU B 378 6.53 -14.76 -17.48
N ARG B 379 5.41 -14.61 -16.76
CA ARG B 379 4.40 -13.68 -17.24
C ARG B 379 4.93 -12.24 -17.30
N GLU B 380 5.76 -11.85 -16.34
CA GLU B 380 6.33 -10.50 -16.40
C GLU B 380 7.22 -10.33 -17.63
N PHE B 381 8.08 -11.33 -17.89
CA PHE B 381 8.93 -11.30 -19.07
C PHE B 381 8.10 -11.14 -20.33
N ALA B 382 7.06 -11.95 -20.47
CA ALA B 382 6.16 -11.81 -21.62
C ALA B 382 5.60 -10.41 -21.70
N ALA B 383 5.15 -9.87 -20.56
CA ALA B 383 4.53 -8.55 -20.56
C ALA B 383 5.49 -7.46 -21.00
N GLU B 384 6.80 -7.70 -20.88
CA GLU B 384 7.74 -6.70 -21.38
C GLU B 384 7.40 -6.26 -22.79
N GLU B 385 6.83 -7.17 -23.58
CA GLU B 385 6.49 -6.89 -24.98
C GLU B 385 5.44 -5.80 -25.13
N ARG B 386 4.53 -5.67 -24.16
CA ARG B 386 3.54 -4.61 -24.20
C ARG B 386 4.03 -3.35 -23.50
N GLY B 387 5.30 -3.31 -23.08
CA GLY B 387 5.86 -2.13 -22.46
C GLY B 387 6.15 -2.24 -20.98
N TYR B 388 5.84 -3.37 -20.35
CA TYR B 388 6.12 -3.57 -18.93
C TYR B 388 7.61 -3.41 -18.65
N THR B 389 7.95 -2.67 -17.58
CA THR B 389 9.34 -2.40 -17.26
C THR B 389 9.74 -2.81 -15.84
N ALA B 390 8.80 -3.25 -15.01
CA ALA B 390 9.15 -3.47 -13.61
C ALA B 390 10.00 -4.72 -13.42
N THR B 391 10.19 -5.54 -14.46
CA THR B 391 11.19 -6.59 -14.39
C THR B 391 12.57 -6.01 -14.11
N LYS B 392 12.84 -4.79 -14.56
CA LYS B 392 14.06 -4.10 -14.17
C LYS B 392 13.74 -3.32 -12.89
N HIS B 393 13.86 -4.03 -11.76
CA HIS B 393 13.29 -3.54 -10.52
C HIS B 393 14.04 -2.33 -9.95
N GLN B 394 15.38 -2.33 -9.95
CA GLN B 394 16.15 -1.21 -9.40
C GLN B 394 15.85 0.08 -10.15
N ARG B 395 15.88 0.00 -11.46
CA ARG B 395 15.60 1.17 -12.28
C ARG B 395 14.15 1.62 -12.13
N GLU B 396 13.23 0.69 -11.90
CA GLU B 396 11.81 1.05 -11.76
C GLU B 396 11.57 1.96 -10.57
N VAL B 397 12.32 1.77 -9.49
CA VAL B 397 12.15 2.57 -8.28
C VAL B 397 13.17 3.70 -8.19
N GLY B 398 13.87 3.99 -9.28
CA GLY B 398 14.65 5.21 -9.35
C GLY B 398 16.13 5.07 -9.09
N ALA B 399 16.69 3.86 -9.12
CA ALA B 399 18.12 3.70 -8.79
C ALA B 399 18.98 4.50 -9.73
N GLY B 400 18.60 4.57 -11.02
CA GLY B 400 19.37 5.36 -11.97
C GLY B 400 19.26 6.84 -11.70
N TYR B 401 18.07 7.28 -11.31
CA TYR B 401 17.87 8.69 -10.98
C TYR B 401 18.74 9.10 -9.79
N PHE B 402 18.80 8.26 -8.76
CA PHE B 402 19.60 8.62 -7.60
C PHE B 402 21.08 8.44 -7.85
N ASP B 403 21.46 7.49 -8.70
CA ASP B 403 22.86 7.44 -9.12
C ASP B 403 23.23 8.73 -9.84
N ARG B 404 22.32 9.25 -10.67
CA ARG B 404 22.66 10.48 -11.36
C ARG B 404 22.78 11.64 -10.37
N ILE B 405 21.91 11.69 -9.36
CA ILE B 405 22.05 12.73 -8.33
C ILE B 405 23.41 12.62 -7.66
N ALA B 406 23.80 11.40 -7.28
CA ALA B 406 25.08 11.21 -6.58
C ALA B 406 26.25 11.62 -7.48
N THR B 407 26.14 11.34 -8.78
CA THR B 407 27.16 11.69 -9.76
C THR B 407 27.22 13.19 -10.00
N THR B 408 26.04 13.83 -10.02
CA THR B 408 25.97 15.28 -10.13
C THR B 408 26.68 15.94 -8.96
N VAL B 409 26.49 15.39 -7.76
CA VAL B 409 27.05 16.03 -6.58
C VAL B 409 28.57 15.80 -6.48
N ASP B 410 29.06 14.67 -6.98
CA ASP B 410 30.50 14.36 -6.94
C ASP B 410 31.26 15.19 -7.97
N PRO B 411 32.20 16.04 -7.56
CA PRO B 411 32.93 16.88 -8.52
C PRO B 411 34.01 16.14 -9.29
N ASN B 412 34.21 14.85 -9.02
CA ASN B 412 35.17 14.03 -9.76
C ASN B 412 34.50 13.00 -10.65
N SER B 413 33.17 13.00 -10.71
CA SER B 413 32.42 12.20 -11.67
C SER B 413 31.65 13.14 -12.58
N SER B 414 31.48 12.72 -13.83
CA SER B 414 30.81 13.52 -14.83
C SER B 414 29.50 12.85 -15.26
N THR B 415 28.52 13.69 -15.54
CA THR B 415 27.18 13.23 -15.90
C THR B 415 27.08 13.01 -17.40
N THR B 416 26.19 12.11 -17.81
CA THR B 416 25.93 11.79 -19.22
C THR B 416 25.08 12.93 -19.75
N ALA B 417 25.36 13.42 -20.96
CA ALA B 417 24.53 14.51 -21.52
C ALA B 417 23.21 13.88 -21.95
N LEU B 418 22.11 14.59 -21.79
CA LEU B 418 20.77 14.08 -22.18
C LEU B 418 20.47 14.54 -23.60
#